data_2JNR
# 
_entry.id   2JNR 
# 
_audit_conform.dict_name       mmcif_pdbx.dic 
_audit_conform.dict_version    5.399 
_audit_conform.dict_location   http://mmcif.pdb.org/dictionaries/ascii/mmcif_pdbx.dic 
# 
loop_
_database_2.database_id 
_database_2.database_code 
_database_2.pdbx_database_accession 
_database_2.pdbx_DOI 
PDB   2JNR         pdb_00002jnr 10.2210/pdb2jnr/pdb 
RCSB  RCSB100063   ?            ?                   
WWPDB D_1000100063 ?            ?                   
# 
loop_
_pdbx_audit_revision_history.ordinal 
_pdbx_audit_revision_history.data_content_type 
_pdbx_audit_revision_history.major_revision 
_pdbx_audit_revision_history.minor_revision 
_pdbx_audit_revision_history.revision_date 
1 'Structure model' 1 0 2007-05-08 
2 'Structure model' 1 1 2008-05-01 
3 'Structure model' 1 2 2011-07-13 
4 'Structure model' 1 3 2021-10-20 
5 'Structure model' 1 4 2023-12-20 
6 'Structure model' 1 5 2024-11-20 
# 
_pdbx_audit_revision_details.ordinal             1 
_pdbx_audit_revision_details.revision_ordinal    1 
_pdbx_audit_revision_details.data_content_type   'Structure model' 
_pdbx_audit_revision_details.provider            repository 
_pdbx_audit_revision_details.type                'Initial release' 
_pdbx_audit_revision_details.description         ? 
_pdbx_audit_revision_details.details             ? 
# 
loop_
_pdbx_audit_revision_group.ordinal 
_pdbx_audit_revision_group.revision_ordinal 
_pdbx_audit_revision_group.data_content_type 
_pdbx_audit_revision_group.group 
1 2 'Structure model' 'Version format compliance' 
2 3 'Structure model' 'Version format compliance' 
3 4 'Structure model' 'Database references'       
4 4 'Structure model' 'Derived calculations'      
5 4 'Structure model' 'Source and taxonomy'       
6 5 'Structure model' 'Data collection'           
7 5 'Structure model' Other                       
8 6 'Structure model' 'Structure summary'         
# 
loop_
_pdbx_audit_revision_category.ordinal 
_pdbx_audit_revision_category.revision_ordinal 
_pdbx_audit_revision_category.data_content_type 
_pdbx_audit_revision_category.category 
1  4 'Structure model' database_2                
2  4 'Structure model' pdbx_entity_src_syn       
3  4 'Structure model' pdbx_struct_assembly      
4  4 'Structure model' pdbx_struct_oper_list     
5  4 'Structure model' struct_ref_seq_dif        
6  5 'Structure model' chem_comp_atom            
7  5 'Structure model' chem_comp_bond            
8  5 'Structure model' pdbx_database_status      
9  6 'Structure model' pdbx_entry_details        
10 6 'Structure model' pdbx_modification_feature 
# 
loop_
_pdbx_audit_revision_item.ordinal 
_pdbx_audit_revision_item.revision_ordinal 
_pdbx_audit_revision_item.data_content_type 
_pdbx_audit_revision_item.item 
1 4 'Structure model' '_database_2.pdbx_DOI'                
2 4 'Structure model' '_database_2.pdbx_database_accession' 
3 4 'Structure model' '_struct_ref_seq_dif.details'         
4 5 'Structure model' '_pdbx_database_status.deposit_site'  
# 
_pdbx_database_status.deposit_site                    RCSB 
_pdbx_database_status.entry_id                        2JNR 
_pdbx_database_status.process_site                    RCSB 
_pdbx_database_status.recvd_initial_deposition_date   2007-02-01 
_pdbx_database_status.SG_entry                        ? 
_pdbx_database_status.status_code                     REL 
_pdbx_database_status.status_code_mr                  REL 
_pdbx_database_status.status_code_sf                  ? 
_pdbx_database_status.pdb_format_compatible           Y 
_pdbx_database_status.status_code_cs                  ? 
_pdbx_database_status.status_code_nmr_data            ? 
_pdbx_database_status.methods_development_category    ? 
# 
loop_
_audit_author.name 
_audit_author.pdbx_ordinal 
'Munch, J.'     1  
'Standker, L.'  2  
'Adermann, K.'  3  
'Schulz, A.'    4  
'Pohlmann, S.'  5  
'Chaipan, C.'   6  
'Biet, T.'      7  
'Peters, T.'    8  
'Meyer, B.'     9  
'Wilhelm, D.'   10 
'Lu, H.'        11 
'Jing, W.'      12 
'Jiang, S.'     13 
'Forssmann, W.' 14 
'Kirchhoff, F.' 15 
# 
_citation.id                        primary 
_citation.title                     
'Discovery and Optimization of a Natural HIV-1 Entry Inhibitor Targeting the gp41 Fusion Peptide.' 
_citation.journal_abbrev            'Cell(Cambridge,Mass.)' 
_citation.journal_volume            129 
_citation.page_first                263 
_citation.page_last                 275 
_citation.year                      2007 
_citation.journal_id_ASTM           CELLB5 
_citation.country                   US 
_citation.journal_id_ISSN           0092-8674 
_citation.journal_id_CSD            0998 
_citation.book_publisher            ? 
_citation.pdbx_database_id_PubMed   17448989 
_citation.pdbx_database_id_DOI      10.1016/j.cell.2007.02.042 
# 
loop_
_citation_author.citation_id 
_citation_author.name 
_citation_author.ordinal 
_citation_author.identifier_ORCID 
primary 'Munch, J.'       1  ? 
primary 'Standker, L.'    2  ? 
primary 'Adermann, K.'    3  ? 
primary 'Schulz, A.'      4  ? 
primary 'Schindler, M.'   5  ? 
primary 'Chinnadurai, R.' 6  ? 
primary 'Pohlmann, S.'    7  ? 
primary 'Chaipan, C.'     8  ? 
primary 'Biet, T.'        9  ? 
primary 'Peters, T.'      10 ? 
primary 'Meyer, B.'       11 ? 
primary 'Wilhelm, D.'     12 ? 
primary 'Lu, H.'          13 ? 
primary 'Jing, W.'        14 ? 
primary 'Jiang, S.'       15 ? 
primary 'Forssmann, W.G.' 16 ? 
primary 'Kirchhoff, F.'   17 ? 
# 
loop_
_entity.id 
_entity.type 
_entity.src_method 
_entity.pdbx_description 
_entity.formula_weight 
_entity.pdbx_number_of_molecules 
_entity.pdbx_ec 
_entity.pdbx_mutation 
_entity.pdbx_fragment 
_entity.details 
1 polymer syn VIR165            2241.689 1 ? ? ? ? 
2 polymer syn 'ENV polyprotein' 2125.473 1 ? ? ? ? 
# 
_entity_name_com.entity_id   2 
_entity_name_com.name        FP1-23 
# 
loop_
_entity_poly.entity_id 
_entity_poly.type 
_entity_poly.nstd_linkage 
_entity_poly.nstd_monomer 
_entity_poly.pdbx_seq_one_letter_code 
_entity_poly.pdbx_seq_one_letter_code_can 
_entity_poly.pdbx_strand_id 
_entity_poly.pdbx_target_identifier 
1 'polypeptide(L)' no no LEAIPCSIPPCFAFNKPFVF    LEAIPCSIPPCFAFNKPFVF    A ? 
2 'polypeptide(L)' no no AVGIGALFLGFLGAAGSTMGARS AVGIGALFLGFLGAAGSTMGARS B ? 
# 
loop_
_entity_poly_seq.entity_id 
_entity_poly_seq.num 
_entity_poly_seq.mon_id 
_entity_poly_seq.hetero 
1 1  LEU n 
1 2  GLU n 
1 3  ALA n 
1 4  ILE n 
1 5  PRO n 
1 6  CYS n 
1 7  SER n 
1 8  ILE n 
1 9  PRO n 
1 10 PRO n 
1 11 CYS n 
1 12 PHE n 
1 13 ALA n 
1 14 PHE n 
1 15 ASN n 
1 16 LYS n 
1 17 PRO n 
1 18 PHE n 
1 19 VAL n 
1 20 PHE n 
2 1  ALA n 
2 2  VAL n 
2 3  GLY n 
2 4  ILE n 
2 5  GLY n 
2 6  ALA n 
2 7  LEU n 
2 8  PHE n 
2 9  LEU n 
2 10 GLY n 
2 11 PHE n 
2 12 LEU n 
2 13 GLY n 
2 14 ALA n 
2 15 ALA n 
2 16 GLY n 
2 17 SER n 
2 18 THR n 
2 19 MET n 
2 20 GLY n 
2 21 ALA n 
2 22 ARG n 
2 23 SER n 
# 
loop_
_pdbx_entity_src_syn.entity_id 
_pdbx_entity_src_syn.pdbx_src_id 
_pdbx_entity_src_syn.pdbx_alt_source_flag 
_pdbx_entity_src_syn.pdbx_beg_seq_num 
_pdbx_entity_src_syn.pdbx_end_seq_num 
_pdbx_entity_src_syn.organism_scientific 
_pdbx_entity_src_syn.organism_common_name 
_pdbx_entity_src_syn.ncbi_taxonomy_id 
_pdbx_entity_src_syn.details 
1 1 sample ? ? 'synthetic construct' ? 32630 
'VIR-165 is a modified form of the VIRus-Inhibitory Peptide (VIRIP) which naturally occurs in human plasma.' 
2 1 sample ? ? 'synthetic construct' ? 32630 ? 
# 
loop_
_chem_comp.id 
_chem_comp.type 
_chem_comp.mon_nstd_flag 
_chem_comp.name 
_chem_comp.pdbx_synonyms 
_chem_comp.formula 
_chem_comp.formula_weight 
ALA 'L-peptide linking' y ALANINE         ? 'C3 H7 N O2'     89.093  
ARG 'L-peptide linking' y ARGININE        ? 'C6 H15 N4 O2 1' 175.209 
ASN 'L-peptide linking' y ASPARAGINE      ? 'C4 H8 N2 O3'    132.118 
CYS 'L-peptide linking' y CYSTEINE        ? 'C3 H7 N O2 S'   121.158 
GLU 'L-peptide linking' y 'GLUTAMIC ACID' ? 'C5 H9 N O4'     147.129 
GLY 'peptide linking'   y GLYCINE         ? 'C2 H5 N O2'     75.067  
ILE 'L-peptide linking' y ISOLEUCINE      ? 'C6 H13 N O2'    131.173 
LEU 'L-peptide linking' y LEUCINE         ? 'C6 H13 N O2'    131.173 
LYS 'L-peptide linking' y LYSINE          ? 'C6 H15 N2 O2 1' 147.195 
MET 'L-peptide linking' y METHIONINE      ? 'C5 H11 N O2 S'  149.211 
PHE 'L-peptide linking' y PHENYLALANINE   ? 'C9 H11 N O2'    165.189 
PRO 'L-peptide linking' y PROLINE         ? 'C5 H9 N O2'     115.130 
SER 'L-peptide linking' y SERINE          ? 'C3 H7 N O3'     105.093 
THR 'L-peptide linking' y THREONINE       ? 'C4 H9 N O3'     119.119 
VAL 'L-peptide linking' y VALINE          ? 'C5 H11 N O2'    117.146 
# 
loop_
_pdbx_poly_seq_scheme.asym_id 
_pdbx_poly_seq_scheme.entity_id 
_pdbx_poly_seq_scheme.seq_id 
_pdbx_poly_seq_scheme.mon_id 
_pdbx_poly_seq_scheme.ndb_seq_num 
_pdbx_poly_seq_scheme.pdb_seq_num 
_pdbx_poly_seq_scheme.auth_seq_num 
_pdbx_poly_seq_scheme.pdb_mon_id 
_pdbx_poly_seq_scheme.auth_mon_id 
_pdbx_poly_seq_scheme.pdb_strand_id 
_pdbx_poly_seq_scheme.pdb_ins_code 
_pdbx_poly_seq_scheme.hetero 
A 1 1  LEU 1  1   1   LEU LEU A . n 
A 1 2  GLU 2  2   2   GLU GLU A . n 
A 1 3  ALA 3  3   3   ALA ALA A . n 
A 1 4  ILE 4  4   4   ILE ILE A . n 
A 1 5  PRO 5  5   5   PRO PRO A . n 
A 1 6  CYS 6  6   6   CYS CYS A . n 
A 1 7  SER 7  7   7   SER SER A . n 
A 1 8  ILE 8  8   8   ILE ILE A . n 
A 1 9  PRO 9  9   9   PRO PRO A . n 
A 1 10 PRO 10 10  10  PRO PRO A . n 
A 1 11 CYS 11 11  11  CYS CYS A . n 
A 1 12 PHE 12 12  12  PHE PHE A . n 
A 1 13 ALA 13 13  13  ALA ALA A . n 
A 1 14 PHE 14 14  14  PHE PHE A . n 
A 1 15 ASN 15 15  15  ASN ASN A . n 
A 1 16 LYS 16 16  16  LYS LYS A . n 
A 1 17 PRO 17 17  17  PRO PRO A . n 
A 1 18 PHE 18 18  18  PHE PHE A . n 
A 1 19 VAL 19 19  19  VAL VAL A . n 
A 1 20 PHE 20 20  20  PHE PHE A . n 
B 2 1  ALA 1  101 101 ALA ALA B . n 
B 2 2  VAL 2  102 102 VAL VAL B . n 
B 2 3  GLY 3  103 103 GLY GLY B . n 
B 2 4  ILE 4  104 104 ILE ILE B . n 
B 2 5  GLY 5  105 105 GLY GLY B . n 
B 2 6  ALA 6  106 106 ALA ALA B . n 
B 2 7  LEU 7  107 107 LEU LEU B . n 
B 2 8  PHE 8  108 108 PHE PHE B . n 
B 2 9  LEU 9  109 109 LEU LEU B . n 
B 2 10 GLY 10 110 110 GLY GLY B . n 
B 2 11 PHE 11 111 111 PHE PHE B . n 
B 2 12 LEU 12 112 112 LEU LEU B . n 
B 2 13 GLY 13 113 113 GLY GLY B . n 
B 2 14 ALA 14 114 114 ALA ALA B . n 
B 2 15 ALA 15 115 115 ALA ALA B . n 
B 2 16 GLY 16 116 116 GLY GLY B . n 
B 2 17 SER 17 117 117 SER SER B . n 
B 2 18 THR 18 118 118 THR THR B . n 
B 2 19 MET 19 119 119 MET MET B . n 
B 2 20 GLY 20 120 120 GLY GLY B . n 
B 2 21 ALA 21 121 121 ALA ALA B . n 
B 2 22 ARG 22 122 122 ARG ARG B . n 
B 2 23 SER 23 123 123 SER SER B . n 
# 
_cell.entry_id           2JNR 
_cell.length_a           1.000 
_cell.length_b           1.000 
_cell.length_c           1.000 
_cell.angle_alpha        90.00 
_cell.angle_beta         90.00 
_cell.angle_gamma        90.00 
_cell.Z_PDB              1 
_cell.pdbx_unique_axis   ? 
# 
_symmetry.entry_id                         2JNR 
_symmetry.space_group_name_H-M             'P 1' 
_symmetry.pdbx_full_space_group_name_H-M   ? 
_symmetry.cell_setting                     ? 
_symmetry.Int_Tables_number                1 
# 
_exptl.absorpt_coefficient_mu     ? 
_exptl.absorpt_correction_T_max   ? 
_exptl.absorpt_correction_T_min   ? 
_exptl.absorpt_correction_type    ? 
_exptl.absorpt_process_details    ? 
_exptl.crystals_number            ? 
_exptl.details                    'Complex of VIR165 and FP1-23' 
_exptl.entry_id                   2JNR 
_exptl.method                     'SOLUTION NMR' 
_exptl.method_details             ? 
# 
_exptl_crystal.id                    1 
_exptl_crystal.density_meas          ? 
_exptl_crystal.density_Matthews      ? 
_exptl_crystal.density_percent_sol   ? 
_exptl_crystal.description           ? 
# 
_diffrn.id                     1 
_diffrn.ambient_temp           ? 
_diffrn.ambient_temp_details   ? 
_diffrn.crystal_id             1 
# 
_diffrn_radiation.diffrn_id                        1 
_diffrn_radiation.wavelength_id                    1 
_diffrn_radiation.monochromator                    ? 
_diffrn_radiation.pdbx_monochromatic_or_laue_m_l   M 
_diffrn_radiation.pdbx_diffrn_protocol             'SINGLE WAVELENGTH' 
_diffrn_radiation.pdbx_scattering_type             ? 
# 
_diffrn_radiation_wavelength.id           1 
_diffrn_radiation_wavelength.wavelength   . 
_diffrn_radiation_wavelength.wt           1.0 
# 
_struct.entry_id                  2JNR 
_struct.title                     'Discovery and optimization of a natural HIV-1 entry inhibitor targeting the gp41 fusion peptide' 
_struct.pdbx_model_details        'Complex of VIR165 and FP1-23' 
_struct.pdbx_CASP_flag            ? 
_struct.pdbx_model_type_details   'minimized average' 
# 
_struct_keywords.entry_id        2JNR 
_struct_keywords.pdbx_keywords   'VIRAL PROTEIN' 
_struct_keywords.text            'Peptide complex, VIRAL PROTEIN' 
# 
loop_
_struct_asym.id 
_struct_asym.pdbx_blank_PDB_chainid_flag 
_struct_asym.pdbx_modified 
_struct_asym.entity_id 
_struct_asym.details 
A N N 1 ? 
B N N 2 ? 
# 
loop_
_struct_ref.id 
_struct_ref.db_name 
_struct_ref.db_code 
_struct_ref.pdbx_db_accession 
_struct_ref.entity_id 
_struct_ref.pdbx_seq_one_letter_code 
_struct_ref.pdbx_align_begin 
_struct_ref.pdbx_db_isoform 
1 UNP Q72502_9HIV1 Q72502 2 AVGIGALFLGFLGAAGSTMGAAS 510 ? 
2 PDB 2JNR         2JNR   1 ?                       ?   ? 
# 
loop_
_struct_ref_seq.align_id 
_struct_ref_seq.ref_id 
_struct_ref_seq.pdbx_PDB_id_code 
_struct_ref_seq.pdbx_strand_id 
_struct_ref_seq.seq_align_beg 
_struct_ref_seq.pdbx_seq_align_beg_ins_code 
_struct_ref_seq.seq_align_end 
_struct_ref_seq.pdbx_seq_align_end_ins_code 
_struct_ref_seq.pdbx_db_accession 
_struct_ref_seq.db_align_beg 
_struct_ref_seq.pdbx_db_align_beg_ins_code 
_struct_ref_seq.db_align_end 
_struct_ref_seq.pdbx_db_align_end_ins_code 
_struct_ref_seq.pdbx_auth_seq_align_beg 
_struct_ref_seq.pdbx_auth_seq_align_end 
1 1 2JNR B 1 ? 23 ? Q72502 510 ? 532 ? 101 123 
2 2 2JNR A 1 ? 20 ? 2JNR   1   ? 20  ? 1   20  
# 
_struct_ref_seq_dif.align_id                     1 
_struct_ref_seq_dif.pdbx_pdb_id_code             2JNR 
_struct_ref_seq_dif.mon_id                       ARG 
_struct_ref_seq_dif.pdbx_pdb_strand_id           B 
_struct_ref_seq_dif.seq_num                      22 
_struct_ref_seq_dif.pdbx_pdb_ins_code            ? 
_struct_ref_seq_dif.pdbx_seq_db_name             UNP 
_struct_ref_seq_dif.pdbx_seq_db_accession_code   Q72502 
_struct_ref_seq_dif.db_mon_id                    ALA 
_struct_ref_seq_dif.pdbx_seq_db_seq_num          531 
_struct_ref_seq_dif.details                      'engineered mutation' 
_struct_ref_seq_dif.pdbx_auth_seq_num            122 
_struct_ref_seq_dif.pdbx_ordinal                 1 
# 
_pdbx_struct_assembly.id                   1 
_pdbx_struct_assembly.details              author_defined_assembly 
_pdbx_struct_assembly.method_details       ? 
_pdbx_struct_assembly.oligomeric_details   dimeric 
_pdbx_struct_assembly.oligomeric_count     2 
# 
_pdbx_struct_assembly_gen.assembly_id       1 
_pdbx_struct_assembly_gen.oper_expression   1 
_pdbx_struct_assembly_gen.asym_id_list      A,B 
# 
_pdbx_struct_oper_list.id                   1 
_pdbx_struct_oper_list.type                 'identity operation' 
_pdbx_struct_oper_list.name                 1_555 
_pdbx_struct_oper_list.symmetry_operation   ? 
_pdbx_struct_oper_list.matrix[1][1]         1.0000000000 
_pdbx_struct_oper_list.matrix[1][2]         0.0000000000 
_pdbx_struct_oper_list.matrix[1][3]         0.0000000000 
_pdbx_struct_oper_list.vector[1]            0.0000000000 
_pdbx_struct_oper_list.matrix[2][1]         0.0000000000 
_pdbx_struct_oper_list.matrix[2][2]         1.0000000000 
_pdbx_struct_oper_list.matrix[2][3]         0.0000000000 
_pdbx_struct_oper_list.vector[2]            0.0000000000 
_pdbx_struct_oper_list.matrix[3][1]         0.0000000000 
_pdbx_struct_oper_list.matrix[3][2]         0.0000000000 
_pdbx_struct_oper_list.matrix[3][3]         1.0000000000 
_pdbx_struct_oper_list.vector[3]            0.0000000000 
# 
_struct_conn.id                            disulf1 
_struct_conn.conn_type_id                  disulf 
_struct_conn.pdbx_leaving_atom_flag        ? 
_struct_conn.pdbx_PDB_id                   ? 
_struct_conn.ptnr1_label_asym_id           A 
_struct_conn.ptnr1_label_comp_id           CYS 
_struct_conn.ptnr1_label_seq_id            6 
_struct_conn.ptnr1_label_atom_id           SG 
_struct_conn.pdbx_ptnr1_label_alt_id       ? 
_struct_conn.pdbx_ptnr1_PDB_ins_code       ? 
_struct_conn.pdbx_ptnr1_standard_comp_id   ? 
_struct_conn.ptnr1_symmetry                1_555 
_struct_conn.ptnr2_label_asym_id           A 
_struct_conn.ptnr2_label_comp_id           CYS 
_struct_conn.ptnr2_label_seq_id            11 
_struct_conn.ptnr2_label_atom_id           SG 
_struct_conn.pdbx_ptnr2_label_alt_id       ? 
_struct_conn.pdbx_ptnr2_PDB_ins_code       ? 
_struct_conn.ptnr1_auth_asym_id            A 
_struct_conn.ptnr1_auth_comp_id            CYS 
_struct_conn.ptnr1_auth_seq_id             6 
_struct_conn.ptnr2_auth_asym_id            A 
_struct_conn.ptnr2_auth_comp_id            CYS 
_struct_conn.ptnr2_auth_seq_id             11 
_struct_conn.ptnr2_symmetry                1_555 
_struct_conn.pdbx_ptnr3_label_atom_id      ? 
_struct_conn.pdbx_ptnr3_label_seq_id       ? 
_struct_conn.pdbx_ptnr3_label_comp_id      ? 
_struct_conn.pdbx_ptnr3_label_asym_id      ? 
_struct_conn.pdbx_ptnr3_label_alt_id       ? 
_struct_conn.pdbx_ptnr3_PDB_ins_code       ? 
_struct_conn.details                       ? 
_struct_conn.pdbx_dist_value               2.034 
_struct_conn.pdbx_value_order              ? 
_struct_conn.pdbx_role                     ? 
# 
_struct_conn_type.id          disulf 
_struct_conn_type.criteria    ? 
_struct_conn_type.reference   ? 
# 
_pdbx_modification_feature.ordinal                            1 
_pdbx_modification_feature.label_comp_id                      CYS 
_pdbx_modification_feature.label_asym_id                      A 
_pdbx_modification_feature.label_seq_id                       6 
_pdbx_modification_feature.label_alt_id                       ? 
_pdbx_modification_feature.modified_residue_label_comp_id     CYS 
_pdbx_modification_feature.modified_residue_label_asym_id     A 
_pdbx_modification_feature.modified_residue_label_seq_id      11 
_pdbx_modification_feature.modified_residue_label_alt_id      ? 
_pdbx_modification_feature.auth_comp_id                       CYS 
_pdbx_modification_feature.auth_asym_id                       A 
_pdbx_modification_feature.auth_seq_id                        6 
_pdbx_modification_feature.PDB_ins_code                       ? 
_pdbx_modification_feature.symmetry                           1_555 
_pdbx_modification_feature.modified_residue_auth_comp_id      CYS 
_pdbx_modification_feature.modified_residue_auth_asym_id      A 
_pdbx_modification_feature.modified_residue_auth_seq_id       11 
_pdbx_modification_feature.modified_residue_PDB_ins_code      ? 
_pdbx_modification_feature.modified_residue_symmetry          1_555 
_pdbx_modification_feature.comp_id_linking_atom               SG 
_pdbx_modification_feature.modified_residue_id_linking_atom   SG 
_pdbx_modification_feature.modified_residue_id                . 
_pdbx_modification_feature.ref_pcm_id                         . 
_pdbx_modification_feature.ref_comp_id                        . 
_pdbx_modification_feature.type                               None 
_pdbx_modification_feature.category                           'Disulfide bridge' 
# 
loop_
_struct_mon_prot_cis.pdbx_id 
_struct_mon_prot_cis.label_comp_id 
_struct_mon_prot_cis.label_seq_id 
_struct_mon_prot_cis.label_asym_id 
_struct_mon_prot_cis.label_alt_id 
_struct_mon_prot_cis.pdbx_PDB_ins_code 
_struct_mon_prot_cis.auth_comp_id 
_struct_mon_prot_cis.auth_seq_id 
_struct_mon_prot_cis.auth_asym_id 
_struct_mon_prot_cis.pdbx_label_comp_id_2 
_struct_mon_prot_cis.pdbx_label_seq_id_2 
_struct_mon_prot_cis.pdbx_label_asym_id_2 
_struct_mon_prot_cis.pdbx_PDB_ins_code_2 
_struct_mon_prot_cis.pdbx_auth_comp_id_2 
_struct_mon_prot_cis.pdbx_auth_seq_id_2 
_struct_mon_prot_cis.pdbx_auth_asym_id_2 
_struct_mon_prot_cis.pdbx_PDB_model_num 
_struct_mon_prot_cis.pdbx_omega_angle 
1 PHE 18 A . ? PHE 18  A VAL 19 A ? VAL 19  A 1 -0.80 
2 GLY 13 B . ? GLY 113 B ALA 14 B ? ALA 114 B 1 16.87 
# 
_pdbx_entry_details.entry_id                   2JNR 
_pdbx_entry_details.compound_details           ? 
_pdbx_entry_details.source_details             ? 
_pdbx_entry_details.nonpolymer_details         ? 
_pdbx_entry_details.sequence_details           ? 
_pdbx_entry_details.has_ligand_of_interest     ? 
_pdbx_entry_details.has_protein_modification   Y 
# 
_pdbx_validate_rmsd_bond.id                        1 
_pdbx_validate_rmsd_bond.PDB_model_num             1 
_pdbx_validate_rmsd_bond.auth_atom_id_1            CD 
_pdbx_validate_rmsd_bond.auth_asym_id_1            A 
_pdbx_validate_rmsd_bond.auth_comp_id_1            GLU 
_pdbx_validate_rmsd_bond.auth_seq_id_1             2 
_pdbx_validate_rmsd_bond.PDB_ins_code_1            ? 
_pdbx_validate_rmsd_bond.label_alt_id_1            ? 
_pdbx_validate_rmsd_bond.auth_atom_id_2            OE1 
_pdbx_validate_rmsd_bond.auth_asym_id_2            A 
_pdbx_validate_rmsd_bond.auth_comp_id_2            GLU 
_pdbx_validate_rmsd_bond.auth_seq_id_2             2 
_pdbx_validate_rmsd_bond.PDB_ins_code_2            ? 
_pdbx_validate_rmsd_bond.label_alt_id_2            ? 
_pdbx_validate_rmsd_bond.bond_value                1.376 
_pdbx_validate_rmsd_bond.bond_target_value         1.252 
_pdbx_validate_rmsd_bond.bond_deviation            0.124 
_pdbx_validate_rmsd_bond.bond_standard_deviation   0.011 
_pdbx_validate_rmsd_bond.linker_flag               N 
# 
loop_
_pdbx_validate_rmsd_angle.id 
_pdbx_validate_rmsd_angle.PDB_model_num 
_pdbx_validate_rmsd_angle.auth_atom_id_1 
_pdbx_validate_rmsd_angle.auth_asym_id_1 
_pdbx_validate_rmsd_angle.auth_comp_id_1 
_pdbx_validate_rmsd_angle.auth_seq_id_1 
_pdbx_validate_rmsd_angle.PDB_ins_code_1 
_pdbx_validate_rmsd_angle.label_alt_id_1 
_pdbx_validate_rmsd_angle.auth_atom_id_2 
_pdbx_validate_rmsd_angle.auth_asym_id_2 
_pdbx_validate_rmsd_angle.auth_comp_id_2 
_pdbx_validate_rmsd_angle.auth_seq_id_2 
_pdbx_validate_rmsd_angle.PDB_ins_code_2 
_pdbx_validate_rmsd_angle.label_alt_id_2 
_pdbx_validate_rmsd_angle.auth_atom_id_3 
_pdbx_validate_rmsd_angle.auth_asym_id_3 
_pdbx_validate_rmsd_angle.auth_comp_id_3 
_pdbx_validate_rmsd_angle.auth_seq_id_3 
_pdbx_validate_rmsd_angle.PDB_ins_code_3 
_pdbx_validate_rmsd_angle.label_alt_id_3 
_pdbx_validate_rmsd_angle.angle_value 
_pdbx_validate_rmsd_angle.angle_target_value 
_pdbx_validate_rmsd_angle.angle_deviation 
_pdbx_validate_rmsd_angle.angle_standard_deviation 
_pdbx_validate_rmsd_angle.linker_flag 
1 1 CB A PHE 14  ? ? CG  A PHE 14  ? ? CD1 A PHE 14  ? ? 115.80 120.80 -5.00  0.70 N 
2 1 CB A VAL 19  ? ? CA  A VAL 19  ? ? C   A VAL 19  ? ? 98.39  111.40 -13.01 1.90 N 
3 1 CG B PHE 108 ? ? CD2 B PHE 108 ? ? CE2 B PHE 108 ? ? 129.21 120.80 8.41   1.10 N 
4 1 CZ B PHE 108 ? ? CE2 B PHE 108 ? ? CD2 B PHE 108 ? ? 111.26 120.10 -8.84  1.20 N 
5 1 CA B LEU 109 ? ? C   B LEU 109 ? ? N   B GLY 110 ? ? 128.45 116.20 12.25  2.00 Y 
6 1 CB B PHE 111 ? ? CG  B PHE 111 ? ? CD2 B PHE 111 ? ? 116.36 120.80 -4.44  0.70 N 
# 
loop_
_pdbx_validate_torsion.id 
_pdbx_validate_torsion.PDB_model_num 
_pdbx_validate_torsion.auth_comp_id 
_pdbx_validate_torsion.auth_asym_id 
_pdbx_validate_torsion.auth_seq_id 
_pdbx_validate_torsion.PDB_ins_code 
_pdbx_validate_torsion.label_alt_id 
_pdbx_validate_torsion.phi 
_pdbx_validate_torsion.psi 
1  1 ILE A 4   ? ? -160.70 110.84 
2  1 PRO A 5   ? ? -83.87  34.56  
3  1 CYS A 6   ? ? -168.27 -92.15 
4  1 SER A 7   ? ? 93.54   -47.27 
5  1 ILE A 8   ? ? -95.00  -82.20 
6  1 PRO A 10  ? ? -62.45  94.80  
7  1 PHE A 12  ? ? -148.81 59.66  
8  1 ALA A 13  ? ? 91.12   -46.54 
9  1 PHE A 14  ? ? -150.88 39.19  
10 1 ASN A 15  ? ? -99.11  -65.53 
11 1 LYS A 16  ? ? 44.59   71.48  
12 1 PHE A 18  ? ? -156.33 82.92  
13 1 LEU B 107 ? ? -87.13  48.37  
14 1 PHE B 108 ? ? 13.77   91.35  
15 1 LEU B 109 ? ? 71.52   -35.80 
16 1 ALA B 114 ? ? -159.17 40.91  
17 1 ALA B 115 ? ? -166.25 -43.32 
# 
loop_
_pdbx_validate_planes.id 
_pdbx_validate_planes.PDB_model_num 
_pdbx_validate_planes.auth_comp_id 
_pdbx_validate_planes.auth_asym_id 
_pdbx_validate_planes.auth_seq_id 
_pdbx_validate_planes.PDB_ins_code 
_pdbx_validate_planes.label_alt_id 
_pdbx_validate_planes.rmsd 
_pdbx_validate_planes.type 
1 1 PHE A 14  ? ? 0.080 'SIDE CHAIN' 
2 1 PHE A 18  ? ? 0.086 'SIDE CHAIN' 
3 1 PHE B 108 ? ? 0.081 'SIDE CHAIN' 
4 1 PHE B 111 ? ? 0.095 'SIDE CHAIN' 
# 
_pdbx_database_remark.id     999 
_pdbx_database_remark.text   
;
SEQUENCE
The author states that VIR-165 is a modified form of 
VIRus-Inhibitory Peptide, VIRIP which corresponds exactly 
to residues 353-372 of human alpha1-antitrypsin (UNP 
entry P01009).  VIR-165 (LEAIPCSIPPCFAFNKPFVF) differs 
from VIRIP (LEAIPMSIPPEVKFNKPFVF) by three amino acid 
changes that enhance its ability to inhibit infection by 
human immunodeficiency virus type 1 (HIV-1). 
;
# 
_pdbx_nmr_ensemble.average_constraint_violations_per_residue     ? 
_pdbx_nmr_ensemble.average_constraints_per_residue               ? 
_pdbx_nmr_ensemble.average_distance_constraint_violation         ? 
_pdbx_nmr_ensemble.average_torsion_angle_constraint_violation    ? 
_pdbx_nmr_ensemble.conformer_selection_criteria                  'all calculated structures submitted' 
_pdbx_nmr_ensemble.conformers_calculated_total_number            1 
_pdbx_nmr_ensemble.conformers_submitted_total_number             1 
_pdbx_nmr_ensemble.distance_constraint_violation_method          ? 
_pdbx_nmr_ensemble.entry_id                                      2JNR 
_pdbx_nmr_ensemble.maximum_distance_constraint_violation         ? 
_pdbx_nmr_ensemble.maximum_lower_distance_constraint_violation   ? 
_pdbx_nmr_ensemble.maximum_torsion_angle_constraint_violation    ? 
_pdbx_nmr_ensemble.maximum_upper_distance_constraint_violation   ? 
_pdbx_nmr_ensemble.torsion_angle_constraint_violation_method     ? 
# 
_pdbx_nmr_representative.conformer_id         1 
_pdbx_nmr_representative.entry_id             2JNR 
_pdbx_nmr_representative.selection_criteria   'minimized average structure' 
# 
_pdbx_nmr_sample_details.contents         '0.75 mM VIR165, 0.75 mM FP1-23, 3%DMSO added, 90% H2O/10% D2O' 
_pdbx_nmr_sample_details.solution_id      1 
_pdbx_nmr_sample_details.solvent_system   '90% H2O/10% D2O' 
# 
loop_
_pdbx_nmr_exptl_sample.component 
_pdbx_nmr_exptl_sample.concentration 
_pdbx_nmr_exptl_sample.concentration_units 
_pdbx_nmr_exptl_sample.isotopic_labeling 
_pdbx_nmr_exptl_sample.solution_id 
VIR165 0.75 mM ? 1 
FP1-23 0.75 mM ? 1 
# 
_pdbx_nmr_exptl_sample_conditions.conditions_id       1 
_pdbx_nmr_exptl_sample_conditions.ionic_strength      0 
_pdbx_nmr_exptl_sample_conditions.pH                  4.7 
_pdbx_nmr_exptl_sample_conditions.pressure            ambient 
_pdbx_nmr_exptl_sample_conditions.pressure_units      ? 
_pdbx_nmr_exptl_sample_conditions.temperature         298 
_pdbx_nmr_exptl_sample_conditions.temperature_units   K 
# 
loop_
_pdbx_nmr_exptl.conditions_id 
_pdbx_nmr_exptl.experiment_id 
_pdbx_nmr_exptl.solution_id 
_pdbx_nmr_exptl.type 
1 1 1 '2D 1H-1H NOESY' 
1 2 1 '2D DQF-COSY'    
1 3 1 '2D 1H-1H TOCSY' 
# 
_pdbx_nmr_refine.details            ? 
_pdbx_nmr_refine.entry_id           2JNR 
_pdbx_nmr_refine.method             'molecular dynamics' 
_pdbx_nmr_refine.software_ordinal   1 
# 
_pdbx_nmr_software.authors          Tripos 
_pdbx_nmr_software.classification   refinement 
_pdbx_nmr_software.name             SYBYL 
_pdbx_nmr_software.version          ? 
_pdbx_nmr_software.ordinal          1 
# 
loop_
_chem_comp_atom.comp_id 
_chem_comp_atom.atom_id 
_chem_comp_atom.type_symbol 
_chem_comp_atom.pdbx_aromatic_flag 
_chem_comp_atom.pdbx_stereo_config 
_chem_comp_atom.pdbx_ordinal 
ALA N    N N N 1   
ALA CA   C N S 2   
ALA C    C N N 3   
ALA O    O N N 4   
ALA CB   C N N 5   
ALA OXT  O N N 6   
ALA H    H N N 7   
ALA H2   H N N 8   
ALA HA   H N N 9   
ALA HB1  H N N 10  
ALA HB2  H N N 11  
ALA HB3  H N N 12  
ALA HXT  H N N 13  
ARG N    N N N 14  
ARG CA   C N S 15  
ARG C    C N N 16  
ARG O    O N N 17  
ARG CB   C N N 18  
ARG CG   C N N 19  
ARG CD   C N N 20  
ARG NE   N N N 21  
ARG CZ   C N N 22  
ARG NH1  N N N 23  
ARG NH2  N N N 24  
ARG OXT  O N N 25  
ARG H    H N N 26  
ARG H2   H N N 27  
ARG HA   H N N 28  
ARG HB2  H N N 29  
ARG HB3  H N N 30  
ARG HG2  H N N 31  
ARG HG3  H N N 32  
ARG HD2  H N N 33  
ARG HD3  H N N 34  
ARG HE   H N N 35  
ARG HH11 H N N 36  
ARG HH12 H N N 37  
ARG HH21 H N N 38  
ARG HH22 H N N 39  
ARG HXT  H N N 40  
ASN N    N N N 41  
ASN CA   C N S 42  
ASN C    C N N 43  
ASN O    O N N 44  
ASN CB   C N N 45  
ASN CG   C N N 46  
ASN OD1  O N N 47  
ASN ND2  N N N 48  
ASN OXT  O N N 49  
ASN H    H N N 50  
ASN H2   H N N 51  
ASN HA   H N N 52  
ASN HB2  H N N 53  
ASN HB3  H N N 54  
ASN HD21 H N N 55  
ASN HD22 H N N 56  
ASN HXT  H N N 57  
CYS N    N N N 58  
CYS CA   C N R 59  
CYS C    C N N 60  
CYS O    O N N 61  
CYS CB   C N N 62  
CYS SG   S N N 63  
CYS OXT  O N N 64  
CYS H    H N N 65  
CYS H2   H N N 66  
CYS HA   H N N 67  
CYS HB2  H N N 68  
CYS HB3  H N N 69  
CYS HG   H N N 70  
CYS HXT  H N N 71  
GLU N    N N N 72  
GLU CA   C N S 73  
GLU C    C N N 74  
GLU O    O N N 75  
GLU CB   C N N 76  
GLU CG   C N N 77  
GLU CD   C N N 78  
GLU OE1  O N N 79  
GLU OE2  O N N 80  
GLU OXT  O N N 81  
GLU H    H N N 82  
GLU H2   H N N 83  
GLU HA   H N N 84  
GLU HB2  H N N 85  
GLU HB3  H N N 86  
GLU HG2  H N N 87  
GLU HG3  H N N 88  
GLU HE2  H N N 89  
GLU HXT  H N N 90  
GLY N    N N N 91  
GLY CA   C N N 92  
GLY C    C N N 93  
GLY O    O N N 94  
GLY OXT  O N N 95  
GLY H    H N N 96  
GLY H2   H N N 97  
GLY HA2  H N N 98  
GLY HA3  H N N 99  
GLY HXT  H N N 100 
ILE N    N N N 101 
ILE CA   C N S 102 
ILE C    C N N 103 
ILE O    O N N 104 
ILE CB   C N S 105 
ILE CG1  C N N 106 
ILE CG2  C N N 107 
ILE CD1  C N N 108 
ILE OXT  O N N 109 
ILE H    H N N 110 
ILE H2   H N N 111 
ILE HA   H N N 112 
ILE HB   H N N 113 
ILE HG12 H N N 114 
ILE HG13 H N N 115 
ILE HG21 H N N 116 
ILE HG22 H N N 117 
ILE HG23 H N N 118 
ILE HD11 H N N 119 
ILE HD12 H N N 120 
ILE HD13 H N N 121 
ILE HXT  H N N 122 
LEU N    N N N 123 
LEU CA   C N S 124 
LEU C    C N N 125 
LEU O    O N N 126 
LEU CB   C N N 127 
LEU CG   C N N 128 
LEU CD1  C N N 129 
LEU CD2  C N N 130 
LEU OXT  O N N 131 
LEU H    H N N 132 
LEU H2   H N N 133 
LEU HA   H N N 134 
LEU HB2  H N N 135 
LEU HB3  H N N 136 
LEU HG   H N N 137 
LEU HD11 H N N 138 
LEU HD12 H N N 139 
LEU HD13 H N N 140 
LEU HD21 H N N 141 
LEU HD22 H N N 142 
LEU HD23 H N N 143 
LEU HXT  H N N 144 
LYS N    N N N 145 
LYS CA   C N S 146 
LYS C    C N N 147 
LYS O    O N N 148 
LYS CB   C N N 149 
LYS CG   C N N 150 
LYS CD   C N N 151 
LYS CE   C N N 152 
LYS NZ   N N N 153 
LYS OXT  O N N 154 
LYS H    H N N 155 
LYS H2   H N N 156 
LYS HA   H N N 157 
LYS HB2  H N N 158 
LYS HB3  H N N 159 
LYS HG2  H N N 160 
LYS HG3  H N N 161 
LYS HD2  H N N 162 
LYS HD3  H N N 163 
LYS HE2  H N N 164 
LYS HE3  H N N 165 
LYS HZ1  H N N 166 
LYS HZ2  H N N 167 
LYS HZ3  H N N 168 
LYS HXT  H N N 169 
MET N    N N N 170 
MET CA   C N S 171 
MET C    C N N 172 
MET O    O N N 173 
MET CB   C N N 174 
MET CG   C N N 175 
MET SD   S N N 176 
MET CE   C N N 177 
MET OXT  O N N 178 
MET H    H N N 179 
MET H2   H N N 180 
MET HA   H N N 181 
MET HB2  H N N 182 
MET HB3  H N N 183 
MET HG2  H N N 184 
MET HG3  H N N 185 
MET HE1  H N N 186 
MET HE2  H N N 187 
MET HE3  H N N 188 
MET HXT  H N N 189 
PHE N    N N N 190 
PHE CA   C N S 191 
PHE C    C N N 192 
PHE O    O N N 193 
PHE CB   C N N 194 
PHE CG   C Y N 195 
PHE CD1  C Y N 196 
PHE CD2  C Y N 197 
PHE CE1  C Y N 198 
PHE CE2  C Y N 199 
PHE CZ   C Y N 200 
PHE OXT  O N N 201 
PHE H    H N N 202 
PHE H2   H N N 203 
PHE HA   H N N 204 
PHE HB2  H N N 205 
PHE HB3  H N N 206 
PHE HD1  H N N 207 
PHE HD2  H N N 208 
PHE HE1  H N N 209 
PHE HE2  H N N 210 
PHE HZ   H N N 211 
PHE HXT  H N N 212 
PRO N    N N N 213 
PRO CA   C N S 214 
PRO C    C N N 215 
PRO O    O N N 216 
PRO CB   C N N 217 
PRO CG   C N N 218 
PRO CD   C N N 219 
PRO OXT  O N N 220 
PRO H    H N N 221 
PRO HA   H N N 222 
PRO HB2  H N N 223 
PRO HB3  H N N 224 
PRO HG2  H N N 225 
PRO HG3  H N N 226 
PRO HD2  H N N 227 
PRO HD3  H N N 228 
PRO HXT  H N N 229 
SER N    N N N 230 
SER CA   C N S 231 
SER C    C N N 232 
SER O    O N N 233 
SER CB   C N N 234 
SER OG   O N N 235 
SER OXT  O N N 236 
SER H    H N N 237 
SER H2   H N N 238 
SER HA   H N N 239 
SER HB2  H N N 240 
SER HB3  H N N 241 
SER HG   H N N 242 
SER HXT  H N N 243 
THR N    N N N 244 
THR CA   C N S 245 
THR C    C N N 246 
THR O    O N N 247 
THR CB   C N R 248 
THR OG1  O N N 249 
THR CG2  C N N 250 
THR OXT  O N N 251 
THR H    H N N 252 
THR H2   H N N 253 
THR HA   H N N 254 
THR HB   H N N 255 
THR HG1  H N N 256 
THR HG21 H N N 257 
THR HG22 H N N 258 
THR HG23 H N N 259 
THR HXT  H N N 260 
VAL N    N N N 261 
VAL CA   C N S 262 
VAL C    C N N 263 
VAL O    O N N 264 
VAL CB   C N N 265 
VAL CG1  C N N 266 
VAL CG2  C N N 267 
VAL OXT  O N N 268 
VAL H    H N N 269 
VAL H2   H N N 270 
VAL HA   H N N 271 
VAL HB   H N N 272 
VAL HG11 H N N 273 
VAL HG12 H N N 274 
VAL HG13 H N N 275 
VAL HG21 H N N 276 
VAL HG22 H N N 277 
VAL HG23 H N N 278 
VAL HXT  H N N 279 
# 
loop_
_chem_comp_bond.comp_id 
_chem_comp_bond.atom_id_1 
_chem_comp_bond.atom_id_2 
_chem_comp_bond.value_order 
_chem_comp_bond.pdbx_aromatic_flag 
_chem_comp_bond.pdbx_stereo_config 
_chem_comp_bond.pdbx_ordinal 
ALA N   CA   sing N N 1   
ALA N   H    sing N N 2   
ALA N   H2   sing N N 3   
ALA CA  C    sing N N 4   
ALA CA  CB   sing N N 5   
ALA CA  HA   sing N N 6   
ALA C   O    doub N N 7   
ALA C   OXT  sing N N 8   
ALA CB  HB1  sing N N 9   
ALA CB  HB2  sing N N 10  
ALA CB  HB3  sing N N 11  
ALA OXT HXT  sing N N 12  
ARG N   CA   sing N N 13  
ARG N   H    sing N N 14  
ARG N   H2   sing N N 15  
ARG CA  C    sing N N 16  
ARG CA  CB   sing N N 17  
ARG CA  HA   sing N N 18  
ARG C   O    doub N N 19  
ARG C   OXT  sing N N 20  
ARG CB  CG   sing N N 21  
ARG CB  HB2  sing N N 22  
ARG CB  HB3  sing N N 23  
ARG CG  CD   sing N N 24  
ARG CG  HG2  sing N N 25  
ARG CG  HG3  sing N N 26  
ARG CD  NE   sing N N 27  
ARG CD  HD2  sing N N 28  
ARG CD  HD3  sing N N 29  
ARG NE  CZ   sing N N 30  
ARG NE  HE   sing N N 31  
ARG CZ  NH1  sing N N 32  
ARG CZ  NH2  doub N N 33  
ARG NH1 HH11 sing N N 34  
ARG NH1 HH12 sing N N 35  
ARG NH2 HH21 sing N N 36  
ARG NH2 HH22 sing N N 37  
ARG OXT HXT  sing N N 38  
ASN N   CA   sing N N 39  
ASN N   H    sing N N 40  
ASN N   H2   sing N N 41  
ASN CA  C    sing N N 42  
ASN CA  CB   sing N N 43  
ASN CA  HA   sing N N 44  
ASN C   O    doub N N 45  
ASN C   OXT  sing N N 46  
ASN CB  CG   sing N N 47  
ASN CB  HB2  sing N N 48  
ASN CB  HB3  sing N N 49  
ASN CG  OD1  doub N N 50  
ASN CG  ND2  sing N N 51  
ASN ND2 HD21 sing N N 52  
ASN ND2 HD22 sing N N 53  
ASN OXT HXT  sing N N 54  
CYS N   CA   sing N N 55  
CYS N   H    sing N N 56  
CYS N   H2   sing N N 57  
CYS CA  C    sing N N 58  
CYS CA  CB   sing N N 59  
CYS CA  HA   sing N N 60  
CYS C   O    doub N N 61  
CYS C   OXT  sing N N 62  
CYS CB  SG   sing N N 63  
CYS CB  HB2  sing N N 64  
CYS CB  HB3  sing N N 65  
CYS SG  HG   sing N N 66  
CYS OXT HXT  sing N N 67  
GLU N   CA   sing N N 68  
GLU N   H    sing N N 69  
GLU N   H2   sing N N 70  
GLU CA  C    sing N N 71  
GLU CA  CB   sing N N 72  
GLU CA  HA   sing N N 73  
GLU C   O    doub N N 74  
GLU C   OXT  sing N N 75  
GLU CB  CG   sing N N 76  
GLU CB  HB2  sing N N 77  
GLU CB  HB3  sing N N 78  
GLU CG  CD   sing N N 79  
GLU CG  HG2  sing N N 80  
GLU CG  HG3  sing N N 81  
GLU CD  OE1  doub N N 82  
GLU CD  OE2  sing N N 83  
GLU OE2 HE2  sing N N 84  
GLU OXT HXT  sing N N 85  
GLY N   CA   sing N N 86  
GLY N   H    sing N N 87  
GLY N   H2   sing N N 88  
GLY CA  C    sing N N 89  
GLY CA  HA2  sing N N 90  
GLY CA  HA3  sing N N 91  
GLY C   O    doub N N 92  
GLY C   OXT  sing N N 93  
GLY OXT HXT  sing N N 94  
ILE N   CA   sing N N 95  
ILE N   H    sing N N 96  
ILE N   H2   sing N N 97  
ILE CA  C    sing N N 98  
ILE CA  CB   sing N N 99  
ILE CA  HA   sing N N 100 
ILE C   O    doub N N 101 
ILE C   OXT  sing N N 102 
ILE CB  CG1  sing N N 103 
ILE CB  CG2  sing N N 104 
ILE CB  HB   sing N N 105 
ILE CG1 CD1  sing N N 106 
ILE CG1 HG12 sing N N 107 
ILE CG1 HG13 sing N N 108 
ILE CG2 HG21 sing N N 109 
ILE CG2 HG22 sing N N 110 
ILE CG2 HG23 sing N N 111 
ILE CD1 HD11 sing N N 112 
ILE CD1 HD12 sing N N 113 
ILE CD1 HD13 sing N N 114 
ILE OXT HXT  sing N N 115 
LEU N   CA   sing N N 116 
LEU N   H    sing N N 117 
LEU N   H2   sing N N 118 
LEU CA  C    sing N N 119 
LEU CA  CB   sing N N 120 
LEU CA  HA   sing N N 121 
LEU C   O    doub N N 122 
LEU C   OXT  sing N N 123 
LEU CB  CG   sing N N 124 
LEU CB  HB2  sing N N 125 
LEU CB  HB3  sing N N 126 
LEU CG  CD1  sing N N 127 
LEU CG  CD2  sing N N 128 
LEU CG  HG   sing N N 129 
LEU CD1 HD11 sing N N 130 
LEU CD1 HD12 sing N N 131 
LEU CD1 HD13 sing N N 132 
LEU CD2 HD21 sing N N 133 
LEU CD2 HD22 sing N N 134 
LEU CD2 HD23 sing N N 135 
LEU OXT HXT  sing N N 136 
LYS N   CA   sing N N 137 
LYS N   H    sing N N 138 
LYS N   H2   sing N N 139 
LYS CA  C    sing N N 140 
LYS CA  CB   sing N N 141 
LYS CA  HA   sing N N 142 
LYS C   O    doub N N 143 
LYS C   OXT  sing N N 144 
LYS CB  CG   sing N N 145 
LYS CB  HB2  sing N N 146 
LYS CB  HB3  sing N N 147 
LYS CG  CD   sing N N 148 
LYS CG  HG2  sing N N 149 
LYS CG  HG3  sing N N 150 
LYS CD  CE   sing N N 151 
LYS CD  HD2  sing N N 152 
LYS CD  HD3  sing N N 153 
LYS CE  NZ   sing N N 154 
LYS CE  HE2  sing N N 155 
LYS CE  HE3  sing N N 156 
LYS NZ  HZ1  sing N N 157 
LYS NZ  HZ2  sing N N 158 
LYS NZ  HZ3  sing N N 159 
LYS OXT HXT  sing N N 160 
MET N   CA   sing N N 161 
MET N   H    sing N N 162 
MET N   H2   sing N N 163 
MET CA  C    sing N N 164 
MET CA  CB   sing N N 165 
MET CA  HA   sing N N 166 
MET C   O    doub N N 167 
MET C   OXT  sing N N 168 
MET CB  CG   sing N N 169 
MET CB  HB2  sing N N 170 
MET CB  HB3  sing N N 171 
MET CG  SD   sing N N 172 
MET CG  HG2  sing N N 173 
MET CG  HG3  sing N N 174 
MET SD  CE   sing N N 175 
MET CE  HE1  sing N N 176 
MET CE  HE2  sing N N 177 
MET CE  HE3  sing N N 178 
MET OXT HXT  sing N N 179 
PHE N   CA   sing N N 180 
PHE N   H    sing N N 181 
PHE N   H2   sing N N 182 
PHE CA  C    sing N N 183 
PHE CA  CB   sing N N 184 
PHE CA  HA   sing N N 185 
PHE C   O    doub N N 186 
PHE C   OXT  sing N N 187 
PHE CB  CG   sing N N 188 
PHE CB  HB2  sing N N 189 
PHE CB  HB3  sing N N 190 
PHE CG  CD1  doub Y N 191 
PHE CG  CD2  sing Y N 192 
PHE CD1 CE1  sing Y N 193 
PHE CD1 HD1  sing N N 194 
PHE CD2 CE2  doub Y N 195 
PHE CD2 HD2  sing N N 196 
PHE CE1 CZ   doub Y N 197 
PHE CE1 HE1  sing N N 198 
PHE CE2 CZ   sing Y N 199 
PHE CE2 HE2  sing N N 200 
PHE CZ  HZ   sing N N 201 
PHE OXT HXT  sing N N 202 
PRO N   CA   sing N N 203 
PRO N   CD   sing N N 204 
PRO N   H    sing N N 205 
PRO CA  C    sing N N 206 
PRO CA  CB   sing N N 207 
PRO CA  HA   sing N N 208 
PRO C   O    doub N N 209 
PRO C   OXT  sing N N 210 
PRO CB  CG   sing N N 211 
PRO CB  HB2  sing N N 212 
PRO CB  HB3  sing N N 213 
PRO CG  CD   sing N N 214 
PRO CG  HG2  sing N N 215 
PRO CG  HG3  sing N N 216 
PRO CD  HD2  sing N N 217 
PRO CD  HD3  sing N N 218 
PRO OXT HXT  sing N N 219 
SER N   CA   sing N N 220 
SER N   H    sing N N 221 
SER N   H2   sing N N 222 
SER CA  C    sing N N 223 
SER CA  CB   sing N N 224 
SER CA  HA   sing N N 225 
SER C   O    doub N N 226 
SER C   OXT  sing N N 227 
SER CB  OG   sing N N 228 
SER CB  HB2  sing N N 229 
SER CB  HB3  sing N N 230 
SER OG  HG   sing N N 231 
SER OXT HXT  sing N N 232 
THR N   CA   sing N N 233 
THR N   H    sing N N 234 
THR N   H2   sing N N 235 
THR CA  C    sing N N 236 
THR CA  CB   sing N N 237 
THR CA  HA   sing N N 238 
THR C   O    doub N N 239 
THR C   OXT  sing N N 240 
THR CB  OG1  sing N N 241 
THR CB  CG2  sing N N 242 
THR CB  HB   sing N N 243 
THR OG1 HG1  sing N N 244 
THR CG2 HG21 sing N N 245 
THR CG2 HG22 sing N N 246 
THR CG2 HG23 sing N N 247 
THR OXT HXT  sing N N 248 
VAL N   CA   sing N N 249 
VAL N   H    sing N N 250 
VAL N   H2   sing N N 251 
VAL CA  C    sing N N 252 
VAL CA  CB   sing N N 253 
VAL CA  HA   sing N N 254 
VAL C   O    doub N N 255 
VAL C   OXT  sing N N 256 
VAL CB  CG1  sing N N 257 
VAL CB  CG2  sing N N 258 
VAL CB  HB   sing N N 259 
VAL CG1 HG11 sing N N 260 
VAL CG1 HG12 sing N N 261 
VAL CG1 HG13 sing N N 262 
VAL CG2 HG21 sing N N 263 
VAL CG2 HG22 sing N N 264 
VAL CG2 HG23 sing N N 265 
VAL OXT HXT  sing N N 266 
# 
loop_
_pdbx_nmr_spectrometer.field_strength 
_pdbx_nmr_spectrometer.manufacturer 
_pdbx_nmr_spectrometer.model 
_pdbx_nmr_spectrometer.spectrometer_id 
_pdbx_nmr_spectrometer.type 
700 Bruker DRX 1 'Bruker DRX' 
500 Bruker DRX 2 'Bruker DRX' 
250 Bruker DPX 3 'Bruker DPX' 
# 
_atom_sites.entry_id                    2JNR 
_atom_sites.fract_transf_matrix[1][1]   1.000000 
_atom_sites.fract_transf_matrix[1][2]   0.000000 
_atom_sites.fract_transf_matrix[1][3]   0.000000 
_atom_sites.fract_transf_matrix[2][1]   0.000000 
_atom_sites.fract_transf_matrix[2][2]   1.000000 
_atom_sites.fract_transf_matrix[2][3]   0.000000 
_atom_sites.fract_transf_matrix[3][1]   0.000000 
_atom_sites.fract_transf_matrix[3][2]   0.000000 
_atom_sites.fract_transf_matrix[3][3]   1.000000 
_atom_sites.fract_transf_vector[1]      0.00000 
_atom_sites.fract_transf_vector[2]      0.00000 
_atom_sites.fract_transf_vector[3]      0.00000 
# 
loop_
_atom_type.symbol 
C 
H 
N 
O 
S 
# 
loop_
_atom_site.group_PDB 
_atom_site.id 
_atom_site.type_symbol 
_atom_site.label_atom_id 
_atom_site.label_alt_id 
_atom_site.label_comp_id 
_atom_site.label_asym_id 
_atom_site.label_entity_id 
_atom_site.label_seq_id 
_atom_site.pdbx_PDB_ins_code 
_atom_site.Cartn_x 
_atom_site.Cartn_y 
_atom_site.Cartn_z 
_atom_site.occupancy 
_atom_site.B_iso_or_equiv 
_atom_site.pdbx_formal_charge 
_atom_site.auth_seq_id 
_atom_site.auth_comp_id 
_atom_site.auth_asym_id 
_atom_site.auth_atom_id 
_atom_site.pdbx_PDB_model_num 
ATOM 1   N N    . LEU A 1 1  ? 10.793  -6.339  -2.851  1.00 -0.38 ? 1   LEU A N    1 
ATOM 2   C CA   . LEU A 1 1  ? 10.148  -5.483  -3.795  1.00 0.09  ? 1   LEU A CA   1 
ATOM 3   C C    . LEU A 1 1  ? 8.739   -5.984  -4.112  1.00 0.23  ? 1   LEU A C    1 
ATOM 4   O O    . LEU A 1 1  ? 7.847   -5.278  -3.700  1.00 -0.27 ? 1   LEU A O    1 
ATOM 5   C CB   . LEU A 1 1  ? 11.085  -5.477  -5.030  1.00 -0.02 ? 1   LEU A CB   1 
ATOM 6   C CG   . LEU A 1 1  ? 10.862  -4.492  -6.186  1.00 -0.04 ? 1   LEU A CG   1 
ATOM 7   C CD1  . LEU A 1 1  ? 12.054  -4.709  -7.178  1.00 -0.06 ? 1   LEU A CD1  1 
ATOM 8   C CD2  . LEU A 1 1  ? 9.472   -4.686  -6.974  1.00 -0.06 ? 1   LEU A CD2  1 
ATOM 9   H H1   . LEU A 1 1  ? 10.620  -6.208  -1.905  1.00 0.14  ? 1   LEU A H1   1 
ATOM 10  H H2   . LEU A 1 1  ? 11.202  -7.212  -3.171  1.00 0.14  ? 1   LEU A H2   1 
ATOM 11  H HA   . LEU A 1 1  ? 10.000  -4.437  -3.490  1.00 0.06  ? 1   LEU A HA   1 
ATOM 12  H HB2  . LEU A 1 1  ? 12.016  -5.194  -4.602  1.00 0.03  ? 1   LEU A HB2  1 
ATOM 13  H HB3  . LEU A 1 1  ? 11.066  -6.486  -5.458  1.00 0.03  ? 1   LEU A HB3  1 
ATOM 14  H HG   . LEU A 1 1  ? 10.939  -3.456  -5.803  1.00 0.03  ? 1   LEU A HG   1 
ATOM 15  H HD11 . LEU A 1 1  ? 13.006  -4.621  -6.772  1.00 0.02  ? 1   LEU A HD11 1 
ATOM 16  H HD12 . LEU A 1 1  ? 12.036  -5.723  -7.595  1.00 0.02  ? 1   LEU A HD12 1 
ATOM 17  H HD13 . LEU A 1 1  ? 11.899  -3.949  -7.911  1.00 0.02  ? 1   LEU A HD13 1 
ATOM 18  H HD21 . LEU A 1 1  ? 8.604   -4.520  -6.319  1.00 0.02  ? 1   LEU A HD21 1 
ATOM 19  H HD22 . LEU A 1 1  ? 9.540   -4.011  -7.832  1.00 0.02  ? 1   LEU A HD22 1 
ATOM 20  H HD23 . LEU A 1 1  ? 9.389   -5.720  -7.359  1.00 0.02  ? 1   LEU A HD23 1 
ATOM 21  N N    . GLU A 1 2  ? 8.561   -7.227  -4.643  1.00 -0.30 ? 2   GLU A N    1 
ATOM 22  C CA   . GLU A 1 2  ? 7.253   -7.769  -4.667  1.00 0.10  ? 2   GLU A CA   1 
ATOM 23  C C    . GLU A 1 2  ? 6.790   -8.239  -3.381  1.00 0.23  ? 2   GLU A C    1 
ATOM 24  O O    . GLU A 1 2  ? 5.676   -7.912  -2.976  1.00 -0.27 ? 2   GLU A O    1 
ATOM 25  C CB   . GLU A 1 2  ? 7.124   -8.937  -5.654  1.00 -0.02 ? 2   GLU A CB   1 
ATOM 26  C CG   . GLU A 1 2  ? 5.653   -9.494  -5.873  1.00 0.00  ? 2   GLU A CG   1 
ATOM 27  C CD   . GLU A 1 2  ? 4.558   -8.560  -6.381  1.00 0.10  ? 2   GLU A CD   1 
ATOM 28  O OE1  . GLU A 1 2  ? 3.482   -8.282  -5.569  1.00 -0.36 ? 2   GLU A OE1  1 
ATOM 29  O OE2  . GLU A 1 2  ? 4.726   -8.039  -7.480  1.00 -0.53 ? 2   GLU A OE2  1 
ATOM 30  H H    . GLU A 1 2  ? 9.326   -7.816  -5.002  1.00 0.15  ? 2   GLU A H    1 
ATOM 31  H HA   . GLU A 1 2  ? 6.586   -7.007  -4.991  1.00 0.06  ? 2   GLU A HA   1 
ATOM 32  H HB2  . GLU A 1 2  ? 7.567   -8.542  -6.539  1.00 0.03  ? 2   GLU A HB2  1 
ATOM 33  H HB3  . GLU A 1 2  ? 7.763   -9.790  -5.333  1.00 0.03  ? 2   GLU A HB3  1 
ATOM 34  H HG2  . GLU A 1 2  ? 5.714   -10.320 -6.517  1.00 0.03  ? 2   GLU A HG2  1 
ATOM 35  H HG3  . GLU A 1 2  ? 5.160   -9.862  -4.950  1.00 0.03  ? 2   GLU A HG3  1 
ATOM 36  H HE2  . GLU A 1 2  ? 2.860   -7.676  -5.965  1.00 0.22  ? 2   GLU A HE2  1 
ATOM 37  N N    . ALA A 1 3  ? 7.694   -8.906  -2.656  1.00 -0.30 ? 3   ALA A N    1 
ATOM 38  C CA   . ALA A 1 3  ? 7.506   -9.406  -1.275  1.00 0.10  ? 3   ALA A CA   1 
ATOM 39  C C    . ALA A 1 3  ? 6.990   -8.341  -0.301  1.00 0.23  ? 3   ALA A C    1 
ATOM 40  O O    . ALA A 1 3  ? 5.999   -8.486  0.383   1.00 -0.27 ? 3   ALA A O    1 
ATOM 41  C CB   . ALA A 1 3  ? 8.843   -9.903  -0.604  1.00 -0.04 ? 3   ALA A CB   1 
ATOM 42  H H    . ALA A 1 3  ? 8.598   -9.038  -2.992  1.00 0.15  ? 3   ALA A H    1 
ATOM 43  H HA   . ALA A 1 3  ? 6.840   -10.309 -1.328  1.00 0.06  ? 3   ALA A HA   1 
ATOM 44  H HB1  . ALA A 1 3  ? 9.739   -9.248  -0.699  1.00 0.03  ? 3   ALA A HB1  1 
ATOM 45  H HB2  . ALA A 1 3  ? 8.711   -10.099 0.484   1.00 0.03  ? 3   ALA A HB2  1 
ATOM 46  H HB3  . ALA A 1 3  ? 9.038   -10.877 -1.009  1.00 0.03  ? 3   ALA A HB3  1 
ATOM 47  N N    . ILE A 1 4  ? 7.698   -7.171  -0.320  1.00 -0.30 ? 4   ILE A N    1 
ATOM 48  C CA   . ILE A 1 4  ? 7.403   -6.027  0.552   1.00 0.10  ? 4   ILE A CA   1 
ATOM 49  C C    . ILE A 1 4  ? 7.996   -4.728  0.033   1.00 0.24  ? 4   ILE A C    1 
ATOM 50  O O    . ILE A 1 4  ? 9.234   -4.750  0.073   1.00 -0.27 ? 4   ILE A O    1 
ATOM 51  C CB   . ILE A 1 4  ? 7.664   -6.235  2.042   1.00 -0.02 ? 4   ILE A CB   1 
ATOM 52  C CG1  . ILE A 1 4  ? 7.054   -5.045  2.924   1.00 -0.05 ? 4   ILE A CG1  1 
ATOM 53  C CG2  . ILE A 1 4  ? 9.093   -6.676  2.410   1.00 -0.06 ? 4   ILE A CG2  1 
ATOM 54  C CD1  . ILE A 1 4  ? 7.551   -5.136  4.439   1.00 -0.07 ? 4   ILE A CD1  1 
ATOM 55  H H    . ILE A 1 4  ? 8.474   -7.015  -0.972  1.00 0.15  ? 4   ILE A H    1 
ATOM 56  H HA   . ILE A 1 4  ? 6.287   -5.995  0.589   1.00 0.06  ? 4   ILE A HA   1 
ATOM 57  H HB   . ILE A 1 4  ? 6.986   -7.044  2.393   1.00 0.03  ? 4   ILE A HB   1 
ATOM 58  H HG12 . ILE A 1 4  ? 7.314   -4.055  2.421   1.00 0.03  ? 4   ILE A HG12 1 
ATOM 59  H HG13 . ILE A 1 4  ? 5.949   -5.025  2.889   1.00 0.03  ? 4   ILE A HG13 1 
ATOM 60  H HG21 . ILE A 1 4  ? 9.229   -7.168  3.437   1.00 0.02  ? 4   ILE A HG21 1 
ATOM 61  H HG22 . ILE A 1 4  ? 9.525   -7.352  1.672   1.00 0.02  ? 4   ILE A HG22 1 
ATOM 62  H HG23 . ILE A 1 4  ? 9.664   -5.811  2.382   1.00 0.02  ? 4   ILE A HG23 1 
ATOM 63  H HD11 . ILE A 1 4  ? 7.158   -4.370  5.148   1.00 0.02  ? 4   ILE A HD11 1 
ATOM 64  H HD12 . ILE A 1 4  ? 7.278   -6.172  4.727   1.00 0.02  ? 4   ILE A HD12 1 
ATOM 65  H HD13 . ILE A 1 4  ? 8.641   -4.979  4.361   1.00 0.02  ? 4   ILE A HD13 1 
ATOM 66  N N    . PRO A 1 5  ? 7.275   -3.677  -0.462  1.00 -0.29 ? 5   PRO A N    1 
ATOM 67  C CA   . PRO A 1 5  ? 7.945   -2.541  -1.018  1.00 0.10  ? 5   PRO A CA   1 
ATOM 68  C C    . PRO A 1 5  ? 8.417   -1.475  -0.096  1.00 0.23  ? 5   PRO A C    1 
ATOM 69  O O    . PRO A 1 5  ? 8.400   -0.302  -0.474  1.00 -0.27 ? 5   PRO A O    1 
ATOM 70  C CB   . PRO A 1 5  ? 6.855   -2.141  -2.029  1.00 -0.02 ? 5   PRO A CB   1 
ATOM 71  C CG   . PRO A 1 5  ? 5.474   -2.465  -1.432  1.00 -0.04 ? 5   PRO A CG   1 
ATOM 72  C CD   . PRO A 1 5  ? 5.775   -3.685  -0.520  1.00 0.02  ? 5   PRO A CD   1 
ATOM 73  H HA   . PRO A 1 5  ? 8.918   -2.635  -1.579  1.00 0.06  ? 5   PRO A HA   1 
ATOM 74  H HB2  . PRO A 1 5  ? 6.771   -1.153  -2.534  1.00 0.03  ? 5   PRO A HB2  1 
ATOM 75  H HB3  . PRO A 1 5  ? 7.063   -2.838  -2.892  1.00 0.03  ? 5   PRO A HB3  1 
ATOM 76  H HG2  . PRO A 1 5  ? 5.219   -1.631  -0.728  1.00 0.03  ? 5   PRO A HG2  1 
ATOM 77  H HG3  . PRO A 1 5  ? 4.654   -2.577  -2.149  1.00 0.03  ? 5   PRO A HG3  1 
ATOM 78  H HD2  . PRO A 1 5  ? 5.350   -3.726  0.476   1.00 0.05  ? 5   PRO A HD2  1 
ATOM 79  H HD3  . PRO A 1 5  ? 5.523   -4.517  -1.153  1.00 0.05  ? 5   PRO A HD3  1 
ATOM 80  N N    . CYS A 1 6  ? 8.877   -1.794  1.161   1.00 -0.30 ? 6   CYS A N    1 
ATOM 81  C CA   . CYS A 1 6  ? 9.043   -0.680  2.157   1.00 0.11  ? 6   CYS A CA   1 
ATOM 82  C C    . CYS A 1 6  ? 9.828   -1.191  3.369   1.00 0.23  ? 6   CYS A C    1 
ATOM 83  O O    . CYS A 1 6  ? 11.035  -1.024  3.217   1.00 -0.27 ? 6   CYS A O    1 
ATOM 84  C CB   . CYS A 1 6  ? 7.597   -0.294  2.633   1.00 0.03  ? 6   CYS A CB   1 
ATOM 85  S SG   . CYS A 1 6  ? 6.454   0.440   1.468   1.00 -0.09 ? 6   CYS A SG   1 
ATOM 86  H H    . CYS A 1 6  ? 8.796   -2.781  1.519   1.00 0.15  ? 6   CYS A H    1 
ATOM 87  H HA   . CYS A 1 6  ? 9.653   0.159   1.729   1.00 0.06  ? 6   CYS A HA   1 
ATOM 88  H HB2  . CYS A 1 6  ? 7.084   -1.260  2.886   1.00 0.04  ? 6   CYS A HB2  1 
ATOM 89  H HB3  . CYS A 1 6  ? 7.685   0.321   3.527   1.00 0.04  ? 6   CYS A HB3  1 
ATOM 90  N N    . SER A 1 7  ? 9.233   -1.708  4.487   1.00 -0.30 ? 7   SER A N    1 
ATOM 91  C CA   . SER A 1 7  ? 10.007  -2.044  5.667   1.00 0.12  ? 7   SER A CA   1 
ATOM 92  C C    . SER A 1 7  ? 9.999   -0.865  6.614   1.00 0.24  ? 7   SER A C    1 
ATOM 93  O O    . SER A 1 7  ? 9.783   -1.031  7.834   1.00 -0.27 ? 7   SER A O    1 
ATOM 94  C CB   . SER A 1 7  ? 11.339  -2.811  5.379   1.00 0.07  ? 7   SER A CB   1 
ATOM 95  O OG   . SER A 1 7  ? 10.950  -3.922  4.595   1.00 -0.39 ? 7   SER A OG   1 
ATOM 96  H H    . SER A 1 7  ? 8.262   -1.862  4.543   1.00 0.15  ? 7   SER A H    1 
ATOM 97  H HA   . SER A 1 7  ? 9.512   -2.881  6.191   1.00 0.06  ? 7   SER A HA   1 
ATOM 98  H HB2  . SER A 1 7  ? 12.130  -2.068  5.015   1.00 0.06  ? 7   SER A HB2  1 
ATOM 99  H HB3  . SER A 1 7  ? 11.815  -3.218  6.239   1.00 0.06  ? 7   SER A HB3  1 
ATOM 100 H HG   . SER A 1 7  ? 10.746  -3.694  3.710   1.00 0.21  ? 7   SER A HG   1 
ATOM 101 N N    . ILE A 1 8  ? 10.246  0.359   6.185   1.00 -0.30 ? 8   ILE A N    1 
ATOM 102 C CA   . ILE A 1 8  ? 10.260  1.502   7.069   1.00 0.10  ? 8   ILE A CA   1 
ATOM 103 C C    . ILE A 1 8  ? 8.893   2.163   7.036   1.00 0.24  ? 8   ILE A C    1 
ATOM 104 O O    . ILE A 1 8  ? 8.225   1.926   8.011   1.00 -0.27 ? 8   ILE A O    1 
ATOM 105 C CB   . ILE A 1 8  ? 11.491  2.283   6.670   1.00 -0.02 ? 8   ILE A CB   1 
ATOM 106 C CG1  . ILE A 1 8  ? 12.831  1.443   6.961   1.00 -0.05 ? 8   ILE A CG1  1 
ATOM 107 C CG2  . ILE A 1 8  ? 11.691  3.676   7.389   1.00 -0.06 ? 8   ILE A CG2  1 
ATOM 108 C CD1  . ILE A 1 8  ? 14.089  1.930   6.309   1.00 -0.07 ? 8   ILE A CD1  1 
ATOM 109 H H    . ILE A 1 8  ? 10.340  0.522   5.204   1.00 0.15  ? 8   ILE A H    1 
ATOM 110 H HA   . ILE A 1 8  ? 10.462  1.281   8.086   1.00 0.06  ? 8   ILE A HA   1 
ATOM 111 H HB   . ILE A 1 8  ? 11.492  2.561   5.582   1.00 0.03  ? 8   ILE A HB   1 
ATOM 112 H HG12 . ILE A 1 8  ? 12.960  1.281   8.045   1.00 0.03  ? 8   ILE A HG12 1 
ATOM 113 H HG13 . ILE A 1 8  ? 12.703  0.402   6.572   1.00 0.03  ? 8   ILE A HG13 1 
ATOM 114 H HG21 . ILE A 1 8  ? 10.815  4.266   7.062   1.00 0.02  ? 8   ILE A HG21 1 
ATOM 115 H HG22 . ILE A 1 8  ? 11.651  3.587   8.419   1.00 0.02  ? 8   ILE A HG22 1 
ATOM 116 H HG23 . ILE A 1 8  ? 12.588  4.250   7.109   1.00 0.02  ? 8   ILE A HG23 1 
ATOM 117 H HD11 . ILE A 1 8  ? 14.084  1.766   5.251   1.00 0.02  ? 8   ILE A HD11 1 
ATOM 118 H HD12 . ILE A 1 8  ? 14.316  2.929   6.557   1.00 0.02  ? 8   ILE A HD12 1 
ATOM 119 H HD13 . ILE A 1 8  ? 14.815  1.284   6.691   1.00 0.02  ? 8   ILE A HD13 1 
ATOM 120 N N    . PRO A 1 9  ? 8.403   3.040   6.130   1.00 -0.29 ? 9   PRO A N    1 
ATOM 121 C CA   . PRO A 1 9  ? 7.138   3.772   6.437   1.00 0.10  ? 9   PRO A CA   1 
ATOM 122 C C    . PRO A 1 9  ? 5.996   2.824   6.686   1.00 0.24  ? 9   PRO A C    1 
ATOM 123 O O    . PRO A 1 9  ? 6.049   1.663   6.291   1.00 -0.27 ? 9   PRO A O    1 
ATOM 124 C CB   . PRO A 1 9  ? 7.086   4.658   5.179   1.00 -0.02 ? 9   PRO A CB   1 
ATOM 125 C CG   . PRO A 1 9  ? 7.656   3.701   4.152   1.00 -0.04 ? 9   PRO A CG   1 
ATOM 126 C CD   . PRO A 1 9  ? 8.932   3.167   4.800   1.00 0.02  ? 9   PRO A CD   1 
ATOM 127 H HA   . PRO A 1 9  ? 7.305   4.384   7.317   1.00 0.06  ? 9   PRO A HA   1 
ATOM 128 H HB2  . PRO A 1 9  ? 6.058   4.991   4.788   1.00 0.03  ? 9   PRO A HB2  1 
ATOM 129 H HB3  . PRO A 1 9  ? 7.706   5.628   5.246   1.00 0.03  ? 9   PRO A HB3  1 
ATOM 130 H HG2  . PRO A 1 9  ? 6.942   2.970   3.896   1.00 0.03  ? 9   PRO A HG2  1 
ATOM 131 H HG3  . PRO A 1 9  ? 8.003   4.300   3.288   1.00 0.03  ? 9   PRO A HG3  1 
ATOM 132 H HD2  . PRO A 1 9  ? 9.238   2.204   4.392   1.00 0.05  ? 9   PRO A HD2  1 
ATOM 133 H HD3  . PRO A 1 9  ? 9.773   3.892   4.833   1.00 0.05  ? 9   PRO A HD3  1 
ATOM 134 N N    . PRO A 1 10 ? 4.841   3.161   7.308   1.00 -0.29 ? 10  PRO A N    1 
ATOM 135 C CA   . PRO A 1 10 ? 3.819   2.222   7.603   1.00 0.10  ? 10  PRO A CA   1 
ATOM 136 C C    . PRO A 1 10 ? 3.257   1.618   6.336   1.00 0.23  ? 10  PRO A C    1 
ATOM 137 O O    . PRO A 1 10 ? 2.450   2.305   5.721   1.00 -0.27 ? 10  PRO A O    1 
ATOM 138 C CB   . PRO A 1 10 ? 2.708   3.107   8.237   1.00 -0.02 ? 10  PRO A CB   1 
ATOM 139 C CG   . PRO A 1 10 ? 3.074   4.581   7.854   1.00 -0.04 ? 10  PRO A CG   1 
ATOM 140 C CD   . PRO A 1 10 ? 4.628   4.555   7.647   1.00 0.02  ? 10  PRO A CD   1 
ATOM 141 H HA   . PRO A 1 10 ? 4.170   1.439   8.349   1.00 0.06  ? 10  PRO A HA   1 
ATOM 142 H HB2  . PRO A 1 10 ? 1.711   2.748   8.061   1.00 0.03  ? 10  PRO A HB2  1 
ATOM 143 H HB3  . PRO A 1 10 ? 2.901   2.965   9.287   1.00 0.03  ? 10  PRO A HB3  1 
ATOM 144 H HG2  . PRO A 1 10 ? 2.559   4.989   6.899   1.00 0.03  ? 10  PRO A HG2  1 
ATOM 145 H HG3  . PRO A 1 10 ? 2.609   5.319   8.646   1.00 0.03  ? 10  PRO A HG3  1 
ATOM 146 H HD2  . PRO A 1 10 ? 5.032   5.369   7.034   1.00 0.05  ? 10  PRO A HD2  1 
ATOM 147 H HD3  . PRO A 1 10 ? 5.135   4.759   8.625   1.00 0.05  ? 10  PRO A HD3  1 
ATOM 148 N N    . CYS A 1 11 ? 3.741   0.428   5.861   1.00 -0.30 ? 11  CYS A N    1 
ATOM 149 C CA   . CYS A 1 11 ? 3.372   -0.262  4.600   1.00 0.11  ? 11  CYS A CA   1 
ATOM 150 C C    . CYS A 1 11 ? 2.765   -1.616  4.925   1.00 0.23  ? 11  CYS A C    1 
ATOM 151 O O    . CYS A 1 11 ? 3.043   -2.049  6.032   1.00 -0.27 ? 11  CYS A O    1 
ATOM 152 C CB   . CYS A 1 11 ? 4.626   -0.483  3.664   1.00 0.03  ? 11  CYS A CB   1 
ATOM 153 S SG   . CYS A 1 11 ? 5.075   1.058   2.829   1.00 -0.09 ? 11  CYS A SG   1 
ATOM 154 H H    . CYS A 1 11 ? 4.530   -0.041  6.317   1.00 0.15  ? 11  CYS A H    1 
ATOM 155 H HA   . CYS A 1 11 ? 2.778   0.440   3.961   1.00 0.06  ? 11  CYS A HA   1 
ATOM 156 H HB2  . CYS A 1 11 ? 5.403   -1.045  4.231   1.00 0.04  ? 11  CYS A HB2  1 
ATOM 157 H HB3  . CYS A 1 11 ? 4.286   -1.137  2.852   1.00 0.04  ? 11  CYS A HB3  1 
ATOM 158 N N    . PHE A 1 12 ? 1.956   -2.286  4.025   1.00 -0.30 ? 12  PHE A N    1 
ATOM 159 C CA   . PHE A 1 12 ? 1.377   -3.534  4.397   1.00 0.10  ? 12  PHE A CA   1 
ATOM 160 C C    . PHE A 1 12 ? 1.278   -4.299  3.105   1.00 0.23  ? 12  PHE A C    1 
ATOM 161 O O    . PHE A 1 12 ? 0.174   -4.748  2.858   1.00 -0.27 ? 12  PHE A O    1 
ATOM 162 C CB   . PHE A 1 12 ? 0.007   -3.310  5.124   1.00 -0.00 ? 12  PHE A CB   1 
ATOM 163 C CG   . PHE A 1 12 ? 0.260   -2.575  6.456   1.00 -0.05 ? 12  PHE A CG   1 
ATOM 164 C CD1  . PHE A 1 12 ? 0.639   -3.278  7.580   1.00 -0.06 ? 12  PHE A CD1  1 
ATOM 165 C CD2  . PHE A 1 12 ? 0.107   -1.186  6.609   1.00 -0.06 ? 12  PHE A CD2  1 
ATOM 166 C CE1  . PHE A 1 12 ? 0.874   -2.632  8.815   1.00 -0.06 ? 12  PHE A CE1  1 
ATOM 167 C CE2  . PHE A 1 12 ? 0.249   -0.523  7.837   1.00 -0.06 ? 12  PHE A CE2  1 
ATOM 168 C CZ   . PHE A 1 12 ? 0.749   -1.279  8.893   1.00 -0.06 ? 12  PHE A CZ   1 
ATOM 169 H H    . PHE A 1 12 ? 1.583   -1.802  3.189   1.00 0.15  ? 12  PHE A H    1 
ATOM 170 H HA   . PHE A 1 12 ? 2.146   -3.959  5.082   1.00 0.06  ? 12  PHE A HA   1 
ATOM 171 H HB2  . PHE A 1 12 ? -0.697  -2.707  4.591   1.00 0.03  ? 12  PHE A HB2  1 
ATOM 172 H HB3  . PHE A 1 12 ? -0.545  -4.323  5.258   1.00 0.03  ? 12  PHE A HB3  1 
ATOM 173 H HD1  . PHE A 1 12 ? 0.754   -4.370  7.670   1.00 0.06  ? 12  PHE A HD1  1 
ATOM 174 H HD2  . PHE A 1 12 ? -0.128  -0.555  5.633   1.00 0.06  ? 12  PHE A HD2  1 
ATOM 175 H HE1  . PHE A 1 12 ? 1.224   -3.117  9.691   1.00 0.06  ? 12  PHE A HE1  1 
ATOM 176 H HE2  . PHE A 1 12 ? 0.071   0.502   7.970   1.00 0.06  ? 12  PHE A HE2  1 
ATOM 177 H HZ   . PHE A 1 12 ? 1.071   -0.746  9.871   1.00 0.06  ? 12  PHE A HZ   1 
ATOM 178 N N    . ALA A 1 13 ? 2.426   -4.554  2.407   1.00 -0.30 ? 13  ALA A N    1 
ATOM 179 C CA   . ALA A 1 13 ? 2.393   -5.386  1.095   1.00 0.10  ? 13  ALA A CA   1 
ATOM 180 C C    . ALA A 1 13 ? 2.220   -4.574  -0.174  1.00 0.23  ? 13  ALA A C    1 
ATOM 181 O O    . ALA A 1 13 ? 3.023   -4.660  -1.041  1.00 -0.27 ? 13  ALA A O    1 
ATOM 182 C CB   . ALA A 1 13 ? 1.501   -6.628  1.187   1.00 -0.04 ? 13  ALA A CB   1 
ATOM 183 H H    . ALA A 1 13 ? 3.315   -4.130  2.674   1.00 0.15  ? 13  ALA A H    1 
ATOM 184 H HA   . ALA A 1 13 ? 3.400   -5.782  1.124   1.00 0.06  ? 13  ALA A HA   1 
ATOM 185 H HB1  . ALA A 1 13 ? 2.009   -7.384  0.553   1.00 0.03  ? 13  ALA A HB1  1 
ATOM 186 H HB2  . ALA A 1 13 ? 1.477   -6.916  2.282   1.00 0.03  ? 13  ALA A HB2  1 
ATOM 187 H HB3  . ALA A 1 13 ? 0.499   -6.411  0.867   1.00 0.03  ? 13  ALA A HB3  1 
ATOM 188 N N    . PHE A 1 14 ? 1.287   -3.604  -0.270  1.00 -0.30 ? 14  PHE A N    1 
ATOM 189 C CA   . PHE A 1 14 ? 1.091   -2.842  -1.529  1.00 0.10  ? 14  PHE A CA   1 
ATOM 190 C C    . PHE A 1 14 ? 0.563   -1.396  -1.229  1.00 0.23  ? 14  PHE A C    1 
ATOM 191 O O    . PHE A 1 14 ? -0.265  -1.012  -1.986  1.00 -0.27 ? 14  PHE A O    1 
ATOM 192 C CB   . PHE A 1 14 ? 0.313   -3.597  -2.656  1.00 -0.00 ? 14  PHE A CB   1 
ATOM 193 C CG   . PHE A 1 14 ? 0.874   -5.015  -2.817  1.00 -0.05 ? 14  PHE A CG   1 
ATOM 194 C CD1  . PHE A 1 14 ? 2.090   -5.113  -3.488  1.00 -0.06 ? 14  PHE A CD1  1 
ATOM 195 C CD2  . PHE A 1 14 ? 0.236   -6.151  -2.415  1.00 -0.06 ? 14  PHE A CD2  1 
ATOM 196 C CE1  . PHE A 1 14 ? 2.802   -6.302  -3.569  1.00 -0.06 ? 14  PHE A CE1  1 
ATOM 197 C CE2  . PHE A 1 14 ? 0.727   -7.406  -2.762  1.00 -0.06 ? 14  PHE A CE2  1 
ATOM 198 C CZ   . PHE A 1 14 ? 2.102   -7.460  -3.114  1.00 -0.06 ? 14  PHE A CZ   1 
ATOM 199 H H    . PHE A 1 14 ? 0.613   -3.449  0.436   1.00 0.15  ? 14  PHE A H    1 
ATOM 200 H HA   . PHE A 1 14 ? 2.074   -2.547  -2.061  1.00 0.06  ? 14  PHE A HA   1 
ATOM 201 H HB2  . PHE A 1 14 ? -0.766  -3.731  -2.401  1.00 0.03  ? 14  PHE A HB2  1 
ATOM 202 H HB3  . PHE A 1 14 ? 0.262   -3.099  -3.595  1.00 0.03  ? 14  PHE A HB3  1 
ATOM 203 H HD1  . PHE A 1 14 ? 2.396   -4.234  -4.097  1.00 0.06  ? 14  PHE A HD1  1 
ATOM 204 H HD2  . PHE A 1 14 ? -0.702  -6.113  -1.922  1.00 0.06  ? 14  PHE A HD2  1 
ATOM 205 H HE1  . PHE A 1 14 ? 3.814   -6.314  -3.949  1.00 0.06  ? 14  PHE A HE1  1 
ATOM 206 H HE2  . PHE A 1 14 ? 0.139   -8.329  -2.637  1.00 0.06  ? 14  PHE A HE2  1 
ATOM 207 H HZ   . PHE A 1 14 ? 2.666   -8.384  -3.037  1.00 0.06  ? 14  PHE A HZ   1 
ATOM 208 N N    . ASN A 1 15 ? 1.015   -0.655  -0.172  1.00 -0.30 ? 15  ASN A N    1 
ATOM 209 C CA   . ASN A 1 15 ? 0.593   0.705   0.042   1.00 0.11  ? 15  ASN A CA   1 
ATOM 210 C C    . ASN A 1 15 ? 1.730   1.534   -0.520  1.00 0.23  ? 15  ASN A C    1 
ATOM 211 O O    . ASN A 1 15 ? 1.404   2.296   -1.429  1.00 -0.27 ? 15  ASN A O    1 
ATOM 212 C CB   . ASN A 1 15 ? 0.444   1.041   1.513   1.00 0.05  ? 15  ASN A CB   1 
ATOM 213 C CG   . ASN A 1 15 ? -0.610  0.166   2.070   1.00 0.21  ? 15  ASN A CG   1 
ATOM 214 O OD1  . ASN A 1 15 ? -0.363  -0.787  2.782   1.00 -0.28 ? 15  ASN A OD1  1 
ATOM 215 N ND2  . ASN A 1 15 ? -1.875  0.517   1.693   1.00 -0.33 ? 15  ASN A ND2  1 
ATOM 216 H H    . ASN A 1 15 ? 1.588   -1.023  0.479   1.00 0.15  ? 15  ASN A H    1 
ATOM 217 H HA   . ASN A 1 15 ? -0.305  1.006   -0.539  1.00 0.06  ? 15  ASN A HA   1 
ATOM 218 H HB2  . ASN A 1 15 ? 1.424   1.005   2.018   1.00 0.04  ? 15  ASN A HB2  1 
ATOM 219 H HB3  . ASN A 1 15 ? 0.160   2.020   1.603   1.00 0.04  ? 15  ASN A HB3  1 
ATOM 220 H HD21 . ASN A 1 15 ? -2.102  1.322   1.167   1.00 0.14  ? 15  ASN A HD21 1 
ATOM 221 H HD22 . ASN A 1 15 ? -2.671  -0.072  1.837   1.00 0.14  ? 15  ASN A HD22 1 
ATOM 222 N N    . LYS A 1 16 ? 3.060   1.594   -0.012  1.00 -0.30 ? 16  LYS A N    1 
ATOM 223 C CA   . LYS A 1 16 ? 4.014   2.622   -0.341  1.00 0.10  ? 16  LYS A CA   1 
ATOM 224 C C    . LYS A 1 16 ? 3.276   4.007   -0.265  1.00 0.24  ? 16  LYS A C    1 
ATOM 225 O O    . LYS A 1 16 ? 2.875   4.400   -1.322  1.00 -0.27 ? 16  LYS A O    1 
ATOM 226 C CB   . LYS A 1 16 ? 4.647   2.254   -1.717  1.00 -0.03 ? 16  LYS A CB   1 
ATOM 227 C CG   . LYS A 1 16 ? 5.805   3.225   -2.241  1.00 -0.05 ? 16  LYS A CG   1 
ATOM 228 C CD   . LYS A 1 16 ? 7.200   2.855   -1.567  1.00 -0.01 ? 16  LYS A CD   1 
ATOM 229 C CE   . LYS A 1 16 ? 8.374   3.797   -2.025  1.00 -0.04 ? 16  LYS A CE   1 
ATOM 230 N NZ   . LYS A 1 16 ? 9.546   3.329   -1.287  1.00 0.22  ? 16  LYS A NZ   1 
ATOM 231 H H    . LYS A 1 16 ? 3.273   0.927   0.711   1.00 0.15  ? 16  LYS A H    1 
ATOM 232 H HA   . LYS A 1 16 ? 4.879   2.723   0.351   1.00 0.06  ? 16  LYS A HA   1 
ATOM 233 H HB2  . LYS A 1 16 ? 4.996   1.153   -1.734  1.00 0.03  ? 16  LYS A HB2  1 
ATOM 234 H HB3  . LYS A 1 16 ? 3.845   2.296   -2.399  1.00 0.03  ? 16  LYS A HB3  1 
ATOM 235 H HG2  . LYS A 1 16 ? 5.971   3.149   -3.323  1.00 0.03  ? 16  LYS A HG2  1 
ATOM 236 H HG3  . LYS A 1 16 ? 5.627   4.257   -2.000  1.00 0.03  ? 16  LYS A HG3  1 
ATOM 237 H HD2  . LYS A 1 16 ? 7.140   2.871   -0.458  1.00 0.03  ? 16  LYS A HD2  1 
ATOM 238 H HD3  . LYS A 1 16 ? 7.566   1.830   -1.899  1.00 0.03  ? 16  LYS A HD3  1 
ATOM 239 H HE2  . LYS A 1 16 ? 8.538   3.588   -3.121  1.00 0.08  ? 16  LYS A HE2  1 
ATOM 240 H HE3  . LYS A 1 16 ? 8.168   4.816   -1.898  1.00 0.08  ? 16  LYS A HE3  1 
ATOM 241 H HZ1  . LYS A 1 16 ? 10.379  3.867   -1.399  1.00 0.20  ? 16  LYS A HZ1  1 
ATOM 242 H HZ2  . LYS A 1 16 ? 9.573   3.355   -0.109  1.00 0.20  ? 16  LYS A HZ2  1 
ATOM 243 H HZ3  . LYS A 1 16 ? 9.912   2.329   -1.467  1.00 0.20  ? 16  LYS A HZ3  1 
ATOM 244 N N    . PRO A 1 17 ? 2.899   4.554   0.924   1.00 -0.29 ? 17  PRO A N    1 
ATOM 245 C CA   . PRO A 1 17 ? 1.781   5.543   0.880   1.00 0.10  ? 17  PRO A CA   1 
ATOM 246 C C    . PRO A 1 17 ? 1.761   6.703   -0.066  1.00 0.23  ? 17  PRO A C    1 
ATOM 247 O O    . PRO A 1 17 ? 2.852   7.168   -0.352  1.00 -0.27 ? 17  PRO A O    1 
ATOM 248 C CB   . PRO A 1 17 ? 1.926   6.056   2.357   1.00 -0.02 ? 17  PRO A CB   1 
ATOM 249 C CG   . PRO A 1 17 ? 2.466   4.865   3.196   1.00 -0.04 ? 17  PRO A CG   1 
ATOM 250 C CD   . PRO A 1 17 ? 3.333   4.071   2.205   1.00 0.02  ? 17  PRO A CD   1 
ATOM 251 H HA   . PRO A 1 17 ? 0.889   4.882   0.868   1.00 0.06  ? 17  PRO A HA   1 
ATOM 252 H HB2  . PRO A 1 17 ? 2.731   6.791   2.236   1.00 0.03  ? 17  PRO A HB2  1 
ATOM 253 H HB3  . PRO A 1 17 ? 1.012   6.574   2.748   1.00 0.03  ? 17  PRO A HB3  1 
ATOM 254 H HG2  . PRO A 1 17 ? 2.989   5.089   4.148   1.00 0.03  ? 17  PRO A HG2  1 
ATOM 255 H HG3  . PRO A 1 17 ? 1.608   4.281   3.533   1.00 0.03  ? 17  PRO A HG3  1 
ATOM 256 H HD2  . PRO A 1 17 ? 4.288   4.531   2.320   1.00 0.05  ? 17  PRO A HD2  1 
ATOM 257 H HD3  . PRO A 1 17 ? 3.422   3.018   2.513   1.00 0.05  ? 17  PRO A HD3  1 
ATOM 258 N N    . PHE A 1 18 ? 0.614   7.254   -0.530  1.00 -0.30 ? 18  PHE A N    1 
ATOM 259 C CA   . PHE A 1 18 ? 0.752   8.497   -1.260  1.00 0.10  ? 18  PHE A CA   1 
ATOM 260 C C    . PHE A 1 18 ? -0.608  9.071   -1.074  1.00 0.23  ? 18  PHE A C    1 
ATOM 261 O O    . PHE A 1 18 ? -1.437  8.926   -1.923  1.00 -0.27 ? 18  PHE A O    1 
ATOM 262 C CB   . PHE A 1 18 ? 0.885   8.190   -2.781  1.00 -0.00 ? 18  PHE A CB   1 
ATOM 263 C CG   . PHE A 1 18 ? 2.269   7.521   -3.137  1.00 -0.05 ? 18  PHE A CG   1 
ATOM 264 C CD1  . PHE A 1 18 ? 3.428   8.237   -2.886  1.00 -0.06 ? 18  PHE A CD1  1 
ATOM 265 C CD2  . PHE A 1 18 ? 2.324   6.322   -3.850  1.00 -0.06 ? 18  PHE A CD2  1 
ATOM 266 C CE1  . PHE A 1 18 ? 4.661   7.563   -2.930  1.00 -0.06 ? 18  PHE A CE1  1 
ATOM 267 C CE2  . PHE A 1 18 ? 3.538   5.721   -3.940  1.00 -0.06 ? 18  PHE A CE2  1 
ATOM 268 C CZ   . PHE A 1 18 ? 4.725   6.317   -3.508  1.00 -0.06 ? 18  PHE A CZ   1 
ATOM 269 H H    . PHE A 1 18 ? -0.239  6.759   -0.490  1.00 0.15  ? 18  PHE A H    1 
ATOM 270 H HA   . PHE A 1 18 ? 1.583   9.155   -1.078  1.00 0.06  ? 18  PHE A HA   1 
ATOM 271 H HB2  . PHE A 1 18 ? 0.167   7.355   -3.142  1.00 0.03  ? 18  PHE A HB2  1 
ATOM 272 H HB3  . PHE A 1 18 ? 0.949   8.997   -3.524  1.00 0.03  ? 18  PHE A HB3  1 
ATOM 273 H HD1  . PHE A 1 18 ? 3.469   9.317   -2.645  1.00 0.06  ? 18  PHE A HD1  1 
ATOM 274 H HD2  . PHE A 1 18 ? 1.468   5.795   -4.285  1.00 0.06  ? 18  PHE A HD2  1 
ATOM 275 H HE1  . PHE A 1 18 ? 5.578   8.044   -2.530  1.00 0.06  ? 18  PHE A HE1  1 
ATOM 276 H HE2  . PHE A 1 18 ? 3.546   4.744   -4.429  1.00 0.06  ? 18  PHE A HE2  1 
ATOM 277 H HZ   . PHE A 1 18 ? 5.673   5.827   -3.636  1.00 0.06  ? 18  PHE A HZ   1 
ATOM 278 N N    . VAL A 1 19 ? -0.841  9.749   0.109   1.00 -0.30 ? 19  VAL A N    1 
ATOM 279 C CA   . VAL A 1 19 ? 0.153   9.913   1.171   1.00 0.10  ? 19  VAL A CA   1 
ATOM 280 C C    . VAL A 1 19 ? -0.430  9.910   2.578   1.00 0.23  ? 19  VAL A C    1 
ATOM 281 O O    . VAL A 1 19 ? -1.584  10.315  2.742   1.00 -0.27 ? 19  VAL A O    1 
ATOM 282 C CB   . VAL A 1 19 ? 0.617   11.406  1.120   1.00 -0.02 ? 19  VAL A CB   1 
ATOM 283 C CG1  . VAL A 1 19 ? 1.837   11.646  2.020   1.00 -0.06 ? 19  VAL A CG1  1 
ATOM 284 C CG2  . VAL A 1 19 ? 1.075   11.908  -0.344  1.00 -0.06 ? 19  VAL A CG2  1 
ATOM 285 H H    . VAL A 1 19 ? -1.700  10.159  0.348   1.00 0.15  ? 19  VAL A H    1 
ATOM 286 H HA   . VAL A 1 19 ? 0.963   9.201   1.210   1.00 0.06  ? 19  VAL A HA   1 
ATOM 287 H HB   . VAL A 1 19 ? -0.293  12.111  1.285   1.00 0.03  ? 19  VAL A HB   1 
ATOM 288 H HG11 . VAL A 1 19 ? 2.109   12.740  1.931   1.00 0.02  ? 19  VAL A HG11 1 
ATOM 289 H HG12 . VAL A 1 19 ? 1.712   11.530  3.074   1.00 0.02  ? 19  VAL A HG12 1 
ATOM 290 H HG13 . VAL A 1 19 ? 2.611   11.002  1.706   1.00 0.02  ? 19  VAL A HG13 1 
ATOM 291 H HG21 . VAL A 1 19 ? 1.417   12.908  -0.364  1.00 0.02  ? 19  VAL A HG21 1 
ATOM 292 H HG22 . VAL A 1 19 ? 1.834   11.300  -0.842  1.00 0.02  ? 19  VAL A HG22 1 
ATOM 293 H HG23 . VAL A 1 19 ? 0.241   11.855  -1.013  1.00 0.02  ? 19  VAL A HG23 1 
ATOM 294 N N    . PHE A 1 20 ? 0.382   9.467   3.581   1.00 -0.30 ? 20  PHE A N    1 
ATOM 295 C CA   . PHE A 1 20 ? -0.200  9.253   4.916   1.00 0.11  ? 20  PHE A CA   1 
ATOM 296 C C    . PHE A 1 20 ? 0.921   8.972   5.986   1.00 0.28  ? 20  PHE A C    1 
ATOM 297 O O    . PHE A 1 20 ? 1.418   9.834   6.719   1.00 -0.26 ? 20  PHE A O    1 
ATOM 298 C CB   . PHE A 1 20 ? -1.104  8.033   4.886   1.00 0.00  ? 20  PHE A CB   1 
ATOM 299 C CG   . PHE A 1 20 ? -2.135  8.026   6.047   1.00 -0.05 ? 20  PHE A CG   1 
ATOM 300 C CD1  . PHE A 1 20 ? -3.395  8.658   5.910   1.00 -0.06 ? 20  PHE A CD1  1 
ATOM 301 C CD2  . PHE A 1 20 ? -1.852  7.313   7.216   1.00 -0.06 ? 20  PHE A CD2  1 
ATOM 302 C CE1  . PHE A 1 20 ? -4.333  8.516   6.924   1.00 -0.06 ? 20  PHE A CE1  1 
ATOM 303 C CE2  . PHE A 1 20 ? -2.790  7.340   8.257   1.00 -0.06 ? 20  PHE A CE2  1 
ATOM 304 C CZ   . PHE A 1 20 ? -4.083  7.863   8.115   1.00 -0.06 ? 20  PHE A CZ   1 
ATOM 305 O OXT  . PHE A 1 20 ? 1.380   7.762   5.996   1.00 -0.33 ? 20  PHE A OXT  1 
ATOM 306 H H    . PHE A 1 20 ? 1.270   9.213   3.474   1.00 0.15  ? 20  PHE A H    1 
ATOM 307 H HA   . PHE A 1 20 ? -0.846  10.125  5.221   1.00 0.06  ? 20  PHE A HA   1 
ATOM 308 H HB2  . PHE A 1 20 ? -1.756  8.005   3.979   1.00 0.03  ? 20  PHE A HB2  1 
ATOM 309 H HB3  . PHE A 1 20 ? -0.457  7.185   4.880   1.00 0.03  ? 20  PHE A HB3  1 
ATOM 310 H HD1  . PHE A 1 20 ? -3.630  9.215   5.015   1.00 0.06  ? 20  PHE A HD1  1 
ATOM 311 H HD2  . PHE A 1 20 ? -0.961  6.671   7.242   1.00 0.06  ? 20  PHE A HD2  1 
ATOM 312 H HE1  . PHE A 1 20 ? -5.279  9.026   6.829   1.00 0.06  ? 20  PHE A HE1  1 
ATOM 313 H HE2  . PHE A 1 20 ? -2.580  6.890   9.247   1.00 0.06  ? 20  PHE A HE2  1 
ATOM 314 H HZ   . PHE A 1 20 ? -4.736  7.720   8.934   1.00 0.06  ? 20  PHE A HZ   1 
ATOM 315 H HXT  . PHE A 1 20 ? 1.999   7.529   6.699   1.00 0.22  ? 20  PHE A HXT  1 
ATOM 316 N N    . ALA B 2 1  ? -4.419  -8.816  -8.145  1.00 -0.38 ? 101 ALA B N    1 
ATOM 317 C CA   . ALA B 2 1  ? -4.031  -7.614  -8.871  1.00 0.09  ? 101 ALA B CA   1 
ATOM 318 C C    . ALA B 2 1  ? -2.511  -7.690  -8.833  1.00 0.23  ? 101 ALA B C    1 
ATOM 319 O O    . ALA B 2 1  ? -2.036  -8.298  -7.875  1.00 -0.27 ? 101 ALA B O    1 
ATOM 320 C CB   . ALA B 2 1  ? -4.432  -6.293  -8.098  1.00 -0.04 ? 101 ALA B CB   1 
ATOM 321 H H1   . ALA B 2 1  ? -4.586  -8.752  -7.170  1.00 0.14  ? 101 ALA B H1   1 
ATOM 322 H H2   . ALA B 2 1  ? -4.479  -9.720  -8.562  1.00 0.14  ? 101 ALA B H2   1 
ATOM 323 H HA   . ALA B 2 1  ? -4.405  -7.642  -10.005 1.00 0.06  ? 101 ALA B HA   1 
ATOM 324 H HB1  . ALA B 2 1  ? -4.264  -6.274  -7.042  1.00 0.03  ? 101 ALA B HB1  1 
ATOM 325 H HB2  . ALA B 2 1  ? -3.852  -5.539  -8.674  1.00 0.03  ? 101 ALA B HB2  1 
ATOM 326 H HB3  . ALA B 2 1  ? -5.458  -6.064  -8.225  1.00 0.03  ? 101 ALA B HB3  1 
ATOM 327 N N    . VAL B 2 2  ? -1.780  -7.154  -9.818  1.00 -0.30 ? 102 VAL B N    1 
ATOM 328 C CA   . VAL B 2 2  ? -0.309  -7.328  -9.791  1.00 0.10  ? 102 VAL B CA   1 
ATOM 329 C C    . VAL B 2 2  ? 0.126   -6.820  -8.476  1.00 0.23  ? 102 VAL B C    1 
ATOM 330 O O    . VAL B 2 2  ? 0.880   -7.379  -7.742  1.00 -0.27 ? 102 VAL B O    1 
ATOM 331 C CB   . VAL B 2 2  ? 0.583   -6.730  -10.930 1.00 -0.02 ? 102 VAL B CB   1 
ATOM 332 C CG1  . VAL B 2 2  ? 0.481   -5.214  -11.073 1.00 -0.06 ? 102 VAL B CG1  1 
ATOM 333 C CG2  . VAL B 2 2  ? 2.022   -7.267  -10.831 1.00 -0.06 ? 102 VAL B CG2  1 
ATOM 334 H H    . VAL B 2 2  ? -2.271  -6.656  -10.625 1.00 0.15  ? 102 VAL B H    1 
ATOM 335 H HA   . VAL B 2 2  ? -0.149  -8.423  -9.779  1.00 0.06  ? 102 VAL B HA   1 
ATOM 336 H HB   . VAL B 2 2  ? 0.231   -7.090  -11.883 1.00 0.03  ? 102 VAL B HB   1 
ATOM 337 H HG11 . VAL B 2 2  ? -0.545  -4.950  -11.267 1.00 0.02  ? 102 VAL B HG11 1 
ATOM 338 H HG12 . VAL B 2 2  ? 0.831   -4.827  -10.139 1.00 0.02  ? 102 VAL B HG12 1 
ATOM 339 H HG13 . VAL B 2 2  ? 1.089   -4.849  -11.883 1.00 0.02  ? 102 VAL B HG13 1 
ATOM 340 H HG21 . VAL B 2 2  ? 2.703   -6.668  -10.256 1.00 0.02  ? 102 VAL B HG21 1 
ATOM 341 H HG22 . VAL B 2 2  ? 2.111   -8.276  -10.445 1.00 0.02  ? 102 VAL B HG22 1 
ATOM 342 H HG23 . VAL B 2 2  ? 2.490   -7.227  -11.810 1.00 0.02  ? 102 VAL B HG23 1 
ATOM 343 N N    . GLY B 2 3  ? -0.319  -5.663  -8.097  1.00 -0.31 ? 103 GLY B N    1 
ATOM 344 C CA   . GLY B 2 3  ? 0.187   -4.891  -6.928  1.00 0.09  ? 103 GLY B CA   1 
ATOM 345 C C    . GLY B 2 3  ? 0.042   -3.333  -7.015  1.00 0.23  ? 103 GLY B C    1 
ATOM 346 O O    . GLY B 2 3  ? -1.103  -2.901  -7.087  1.00 -0.27 ? 103 GLY B O    1 
ATOM 347 H H    . GLY B 2 3  ? -1.139  -5.364  -8.657  1.00 0.15  ? 103 GLY B H    1 
ATOM 348 H HA2  . GLY B 2 3  ? -0.459  -5.289  -6.127  1.00 0.06  ? 103 GLY B HA2  1 
ATOM 349 H HA3  . GLY B 2 3  ? 1.240   -5.126  -6.932  1.00 0.06  ? 103 GLY B HA3  1 
ATOM 350 N N    . ILE B 2 4  ? 1.117   -2.516  -6.981  1.00 -0.30 ? 104 ILE B N    1 
ATOM 351 C CA   . ILE B 2 4  ? 0.938   -1.099  -7.284  1.00 0.10  ? 104 ILE B CA   1 
ATOM 352 C C    . ILE B 2 4  ? 0.839   -1.006  -8.768  1.00 0.23  ? 104 ILE B C    1 
ATOM 353 O O    . ILE B 2 4  ? 1.522   -1.709  -9.532  1.00 -0.27 ? 104 ILE B O    1 
ATOM 354 C CB   . ILE B 2 4  ? 2.138   -0.231  -6.759  1.00 -0.02 ? 104 ILE B CB   1 
ATOM 355 C CG1  . ILE B 2 4  ? 2.456   -0.437  -5.225  1.00 -0.05 ? 104 ILE B CG1  1 
ATOM 356 C CG2  . ILE B 2 4  ? 1.842   1.205   -7.166  1.00 -0.06 ? 104 ILE B CG2  1 
ATOM 357 C CD1  . ILE B 2 4  ? 1.432   0.174   -4.347  1.00 -0.07 ? 104 ILE B CD1  1 
ATOM 358 H H    . ILE B 2 4  ? 2.054   -2.907  -6.966  1.00 0.15  ? 104 ILE B H    1 
ATOM 359 H HA   . ILE B 2 4  ? 0.044   -0.746  -6.727  1.00 0.06  ? 104 ILE B HA   1 
ATOM 360 H HB   . ILE B 2 4  ? 3.081   -0.518  -7.244  1.00 0.03  ? 104 ILE B HB   1 
ATOM 361 H HG12 . ILE B 2 4  ? 2.652   -1.500  -4.964  1.00 0.03  ? 104 ILE B HG12 1 
ATOM 362 H HG13 . ILE B 2 4  ? 3.420   0.188   -4.964  1.00 0.03  ? 104 ILE B HG13 1 
ATOM 363 H HG21 . ILE B 2 4  ? 2.549   1.831   -6.666  1.00 0.02  ? 104 ILE B HG21 1 
ATOM 364 H HG22 . ILE B 2 4  ? 2.050   1.427   -8.250  1.00 0.02  ? 104 ILE B HG22 1 
ATOM 365 H HG23 . ILE B 2 4  ? 0.847   1.615   -6.862  1.00 0.02  ? 104 ILE B HG23 1 
ATOM 366 H HD11 . ILE B 2 4  ? 1.843   -0.007  -3.327  1.00 0.02  ? 104 ILE B HD11 1 
ATOM 367 H HD12 . ILE B 2 4  ? 1.169   1.232   -4.476  1.00 0.02  ? 104 ILE B HD12 1 
ATOM 368 H HD13 . ILE B 2 4  ? 0.559   -0.441  -4.409  1.00 0.02  ? 104 ILE B HD13 1 
ATOM 369 N N    . GLY B 2 5  ? 0.113   -0.031  -9.341  1.00 -0.31 ? 105 GLY B N    1 
ATOM 370 C CA   . GLY B 2 5  ? 0.049   0.193   -10.787 1.00 0.09  ? 105 GLY B CA   1 
ATOM 371 C C    . GLY B 2 5  ? -1.274  -0.324  -11.265 1.00 0.23  ? 105 GLY B C    1 
ATOM 372 O O    . GLY B 2 5  ? -2.051  0.582   -11.515 1.00 -0.27 ? 105 GLY B O    1 
ATOM 373 H H    . GLY B 2 5  ? -0.591  0.466   -8.902  1.00 0.15  ? 105 GLY B H    1 
ATOM 374 H HA2  . GLY B 2 5  ? 0.202   1.191   -11.094 1.00 0.06  ? 105 GLY B HA2  1 
ATOM 375 H HA3  . GLY B 2 5  ? 0.775   -0.324  -11.389 1.00 0.06  ? 105 GLY B HA3  1 
ATOM 376 N N    . ALA B 2 6  ? -1.541  -1.671  -11.146 1.00 -0.30 ? 106 ALA B N    1 
ATOM 377 C CA   . ALA B 2 6  ? -2.865  -2.083  -11.404 1.00 0.10  ? 106 ALA B CA   1 
ATOM 378 C C    . ALA B 2 6  ? -3.702  -1.364  -10.376 1.00 0.23  ? 106 ALA B C    1 
ATOM 379 O O    . ALA B 2 6  ? -4.754  -0.822  -10.699 1.00 -0.27 ? 106 ALA B O    1 
ATOM 380 C CB   . ALA B 2 6  ? -3.152  -3.571  -11.308 1.00 -0.04 ? 106 ALA B CB   1 
ATOM 381 H H    . ALA B 2 6  ? -0.800  -2.236  -10.812 1.00 0.15  ? 106 ALA B H    1 
ATOM 382 H HA   . ALA B 2 6  ? -3.191  -1.760  -12.382 1.00 0.06  ? 106 ALA B HA   1 
ATOM 383 H HB1  . ALA B 2 6  ? -2.824  -4.024  -10.389 1.00 0.03  ? 106 ALA B HB1  1 
ATOM 384 H HB2  . ALA B 2 6  ? -4.261  -3.658  -11.312 1.00 0.03  ? 106 ALA B HB2  1 
ATOM 385 H HB3  . ALA B 2 6  ? -2.681  -4.143  -12.174 1.00 0.03  ? 106 ALA B HB3  1 
ATOM 386 N N    . LEU B 2 7  ? -3.273  -1.393  -9.100  1.00 -0.30 ? 107 LEU B N    1 
ATOM 387 C CA   . LEU B 2 7  ? -3.923  -0.668  -7.977  1.00 0.10  ? 107 LEU B CA   1 
ATOM 388 C C    . LEU B 2 7  ? -3.339  0.749   -7.917  1.00 0.23  ? 107 LEU B C    1 
ATOM 389 O O    . LEU B 2 7  ? -3.005  1.192   -6.859  1.00 -0.27 ? 107 LEU B O    1 
ATOM 390 C CB   . LEU B 2 7  ? -3.674  -1.175  -6.534  1.00 -0.02 ? 107 LEU B CB   1 
ATOM 391 C CG   . LEU B 2 7  ? -4.061  -2.728  -6.331  1.00 -0.04 ? 107 LEU B CG   1 
ATOM 392 C CD1  . LEU B 2 7  ? -3.565  -3.209  -4.928  1.00 -0.06 ? 107 LEU B CD1  1 
ATOM 393 C CD2  . LEU B 2 7  ? -5.661  -2.930  -6.425  1.00 -0.06 ? 107 LEU B CD2  1 
ATOM 394 H H    . LEU B 2 7  ? -2.482  -1.962  -8.840  1.00 0.15  ? 107 LEU B H    1 
ATOM 395 H HA   . LEU B 2 7  ? -5.015  -0.641  -8.228  1.00 0.06  ? 107 LEU B HA   1 
ATOM 396 H HB2  . LEU B 2 7  ? -2.626  -1.119  -6.118  1.00 0.03  ? 107 LEU B HB2  1 
ATOM 397 H HB3  . LEU B 2 7  ? -4.255  -0.546  -5.769  1.00 0.03  ? 107 LEU B HB3  1 
ATOM 398 H HG   . LEU B 2 7  ? -3.503  -3.254  -7.083  1.00 0.03  ? 107 LEU B HG   1 
ATOM 399 H HD11 . LEU B 2 7  ? -4.182  -2.709  -4.137  1.00 0.02  ? 107 LEU B HD11 1 
ATOM 400 H HD12 . LEU B 2 7  ? -3.772  -4.302  -4.878  1.00 0.02  ? 107 LEU B HD12 1 
ATOM 401 H HD13 . LEU B 2 7  ? -2.557  -3.050  -4.664  1.00 0.02  ? 107 LEU B HD13 1 
ATOM 402 H HD21 . LEU B 2 7  ? -6.274  -2.744  -5.517  1.00 0.02  ? 107 LEU B HD21 1 
ATOM 403 H HD22 . LEU B 2 7  ? -6.133  -2.294  -7.253  1.00 0.02  ? 107 LEU B HD22 1 
ATOM 404 H HD23 . LEU B 2 7  ? -5.819  -3.982  -6.654  1.00 0.02  ? 107 LEU B HD23 1 
ATOM 405 N N    . PHE B 2 8  ? -3.255  1.486   -9.049  1.00 -0.30 ? 108 PHE B N    1 
ATOM 406 C CA   . PHE B 2 8  ? -3.075  2.944   -9.027  1.00 0.10  ? 108 PHE B CA   1 
ATOM 407 C C    . PHE B 2 8  ? -2.654  3.496   -7.625  1.00 0.23  ? 108 PHE B C    1 
ATOM 408 O O    . PHE B 2 8  ? -3.546  3.980   -6.919  1.00 -0.27 ? 108 PHE B O    1 
ATOM 409 C CB   . PHE B 2 8  ? -4.363  3.605   -9.534  1.00 -0.00 ? 108 PHE B CB   1 
ATOM 410 C CG   . PHE B 2 8  ? -4.761  3.102   -10.936 1.00 -0.05 ? 108 PHE B CG   1 
ATOM 411 C CD1  . PHE B 2 8  ? -5.539  1.974   -11.122 1.00 -0.06 ? 108 PHE B CD1  1 
ATOM 412 C CD2  . PHE B 2 8  ? -4.369  3.711   -12.130 1.00 -0.06 ? 108 PHE B CD2  1 
ATOM 413 C CE1  . PHE B 2 8  ? -5.947  1.564   -12.437 1.00 -0.06 ? 108 PHE B CE1  1 
ATOM 414 C CE2  . PHE B 2 8  ? -4.854  3.494   -13.456 1.00 -0.06 ? 108 PHE B CE2  1 
ATOM 415 C CZ   . PHE B 2 8  ? -5.749  2.403   -13.502 1.00 -0.06 ? 108 PHE B CZ   1 
ATOM 416 H H    . PHE B 2 8  ? -3.434  1.104   -9.946  1.00 0.15  ? 108 PHE B H    1 
ATOM 417 H HA   . PHE B 2 8  ? -2.311  3.233   -9.728  1.00 0.06  ? 108 PHE B HA   1 
ATOM 418 H HB2  . PHE B 2 8  ? -5.276  3.314   -8.899  1.00 0.03  ? 108 PHE B HB2  1 
ATOM 419 H HB3  . PHE B 2 8  ? -4.432  4.690   -9.448  1.00 0.03  ? 108 PHE B HB3  1 
ATOM 420 H HD1  . PHE B 2 8  ? -5.790  1.409   -10.214 1.00 0.06  ? 108 PHE B HD1  1 
ATOM 421 H HD2  . PHE B 2 8  ? -3.576  4.472   -12.100 1.00 0.06  ? 108 PHE B HD2  1 
ATOM 422 H HE1  . PHE B 2 8  ? -6.482  0.662   -12.580 1.00 0.06  ? 108 PHE B HE1  1 
ATOM 423 H HE2  . PHE B 2 8  ? -4.519  4.048   -14.359 1.00 0.06  ? 108 PHE B HE2  1 
ATOM 424 H HZ   . PHE B 2 8  ? -6.354  2.193   -14.402 1.00 0.06  ? 108 PHE B HZ   1 
ATOM 425 N N    . LEU B 2 9  ? -1.299  3.586   -7.416  1.00 -0.30 ? 109 LEU B N    1 
ATOM 426 C CA   . LEU B 2 9  ? -0.747  4.128   -6.174  1.00 0.10  ? 109 LEU B CA   1 
ATOM 427 C C    . LEU B 2 9  ? -0.943  3.188   -4.999  1.00 0.23  ? 109 LEU B C    1 
ATOM 428 O O    . LEU B 2 9  ? -0.084  3.238   -4.169  1.00 -0.27 ? 109 LEU B O    1 
ATOM 429 C CB   . LEU B 2 9  ? -1.458  5.519   -5.855  1.00 -0.02 ? 109 LEU B CB   1 
ATOM 430 C CG   . LEU B 2 9  ? -1.315  6.765   -6.825  1.00 -0.04 ? 109 LEU B CG   1 
ATOM 431 C CD1  . LEU B 2 9  ? 0.135   7.136   -7.100  1.00 -0.06 ? 109 LEU B CD1  1 
ATOM 432 C CD2  . LEU B 2 9  ? -2.184  6.640   -8.155  1.00 -0.06 ? 109 LEU B CD2  1 
ATOM 433 H H    . LEU B 2 9  ? -0.634  3.297   -8.110  1.00 0.15  ? 109 LEU B H    1 
ATOM 434 H HA   . LEU B 2 9  ? 0.361   4.374   -6.247  1.00 0.06  ? 109 LEU B HA   1 
ATOM 435 H HB2  . LEU B 2 9  ? -2.484  5.519   -5.408  1.00 0.03  ? 109 LEU B HB2  1 
ATOM 436 H HB3  . LEU B 2 9  ? -0.923  5.884   -4.964  1.00 0.03  ? 109 LEU B HB3  1 
ATOM 437 H HG   . LEU B 2 9  ? -1.819  7.633   -6.347  1.00 0.03  ? 109 LEU B HG   1 
ATOM 438 H HD11 . LEU B 2 9  ? 0.620   6.335   -7.698  1.00 0.02  ? 109 LEU B HD11 1 
ATOM 439 H HD12 . LEU B 2 9  ? 0.353   8.154   -7.691  1.00 0.02  ? 109 LEU B HD12 1 
ATOM 440 H HD13 . LEU B 2 9  ? 0.686   7.219   -6.199  1.00 0.02  ? 109 LEU B HD13 1 
ATOM 441 H HD21 . LEU B 2 9  ? -1.893  5.675   -8.669  1.00 0.02  ? 109 LEU B HD21 1 
ATOM 442 H HD22 . LEU B 2 9  ? -3.328  6.552   -7.962  1.00 0.02  ? 109 LEU B HD22 1 
ATOM 443 H HD23 . LEU B 2 9  ? -1.966  7.386   -8.899  1.00 0.02  ? 109 LEU B HD23 1 
ATOM 444 N N    . GLY B 2 10 ? -2.004  2.364   -4.735  1.00 -0.31 ? 110 GLY B N    1 
ATOM 445 C CA   . GLY B 2 10 ? -2.018  1.663   -3.489  1.00 0.09  ? 110 GLY B CA   1 
ATOM 446 C C    . GLY B 2 10 ? -2.234  2.719   -2.516  1.00 0.23  ? 110 GLY B C    1 
ATOM 447 O O    . GLY B 2 10 ? -1.384  2.885   -1.666  1.00 -0.27 ? 110 GLY B O    1 
ATOM 448 H H    . GLY B 2 10 ? -2.840  2.274   -5.326  1.00 0.15  ? 110 GLY B H    1 
ATOM 449 H HA2  . GLY B 2 10 ? -2.893  1.034   -3.504  1.00 0.06  ? 110 GLY B HA2  1 
ATOM 450 H HA3  . GLY B 2 10 ? -1.141  0.995   -3.300  1.00 0.06  ? 110 GLY B HA3  1 
ATOM 451 N N    . PHE B 2 11 ? -3.310  3.497   -2.599  1.00 -0.30 ? 111 PHE B N    1 
ATOM 452 C CA   . PHE B 2 11 ? -3.410  4.630   -1.619  1.00 0.10  ? 111 PHE B CA   1 
ATOM 453 C C    . PHE B 2 11 ? -3.559  4.030   -0.239  1.00 0.23  ? 111 PHE B C    1 
ATOM 454 O O    . PHE B 2 11 ? -4.449  3.229   -0.115  1.00 -0.27 ? 111 PHE B O    1 
ATOM 455 C CB   . PHE B 2 11 ? -4.696  5.402   -1.917  1.00 -0.00 ? 111 PHE B CB   1 
ATOM 456 C CG   . PHE B 2 11 ? -4.605  6.173   -3.210  1.00 -0.05 ? 111 PHE B CG   1 
ATOM 457 C CD1  . PHE B 2 11 ? -3.953  7.398   -3.302  1.00 -0.06 ? 111 PHE B CD1  1 
ATOM 458 C CD2  . PHE B 2 11 ? -5.305  5.641   -4.303  1.00 -0.06 ? 111 PHE B CD2  1 
ATOM 459 C CE1  . PHE B 2 11 ? -3.995  8.144   -4.497  1.00 -0.06 ? 111 PHE B CE1  1 
ATOM 460 C CE2  . PHE B 2 11 ? -5.494  6.502   -5.407  1.00 -0.06 ? 111 PHE B CE2  1 
ATOM 461 C CZ   . PHE B 2 11 ? -4.917  7.771   -5.469  1.00 -0.06 ? 111 PHE B CZ   1 
ATOM 462 H H    . PHE B 2 11 ? -4.121  3.276   -3.246  1.00 0.15  ? 111 PHE B H    1 
ATOM 463 H HA   . PHE B 2 11 ? -2.560  5.350   -1.601  1.00 0.06  ? 111 PHE B HA   1 
ATOM 464 H HB2  . PHE B 2 11 ? -5.550  4.671   -1.925  1.00 0.03  ? 111 PHE B HB2  1 
ATOM 465 H HB3  . PHE B 2 11 ? -4.908  6.100   -1.119  1.00 0.03  ? 111 PHE B HB3  1 
ATOM 466 H HD1  . PHE B 2 11 ? -3.301  7.705   -2.448  1.00 0.06  ? 111 PHE B HD1  1 
ATOM 467 H HD2  . PHE B 2 11 ? -5.824  4.670   -4.389  1.00 0.06  ? 111 PHE B HD2  1 
ATOM 468 H HE1  . PHE B 2 11 ? -3.338  8.947   -4.662  1.00 0.06  ? 111 PHE B HE1  1 
ATOM 469 H HE2  . PHE B 2 11 ? -6.045  6.032   -6.236  1.00 0.06  ? 111 PHE B HE2  1 
ATOM 470 H HZ   . PHE B 2 11 ? -5.052  8.551   -6.212  1.00 0.06  ? 111 PHE B HZ   1 
ATOM 471 N N    . LEU B 2 12 ? -2.676  4.424   0.768   1.00 -0.30 ? 112 LEU B N    1 
ATOM 472 C CA   . LEU B 2 12 ? -3.003  4.071   2.114   1.00 0.10  ? 112 LEU B CA   1 
ATOM 473 C C    . LEU B 2 12 ? -4.248  4.869   2.531   1.00 0.23  ? 112 LEU B C    1 
ATOM 474 O O    . LEU B 2 12 ? -4.031  6.006   2.918   1.00 -0.27 ? 112 LEU B O    1 
ATOM 475 C CB   . LEU B 2 12 ? -1.866  4.353   3.220   1.00 -0.02 ? 112 LEU B CB   1 
ATOM 476 C CG   . LEU B 2 12 ? -2.261  3.926   4.692   1.00 -0.04 ? 112 LEU B CG   1 
ATOM 477 C CD1  . LEU B 2 12 ? -2.693  2.498   4.722   1.00 -0.06 ? 112 LEU B CD1  1 
ATOM 478 C CD2  . LEU B 2 12 ? -0.949  4.094   5.588   1.00 -0.06 ? 112 LEU B CD2  1 
ATOM 479 H H    . LEU B 2 12 ? -1.820  5.013   0.547   1.00 0.15  ? 112 LEU B H    1 
ATOM 480 H HA   . LEU B 2 12 ? -3.247  2.977   2.139   1.00 0.06  ? 112 LEU B HA   1 
ATOM 481 H HB2  . LEU B 2 12 ? -1.062  3.641   2.868   1.00 0.03  ? 112 LEU B HB2  1 
ATOM 482 H HB3  . LEU B 2 12 ? -1.516  5.398   3.303   1.00 0.03  ? 112 LEU B HB3  1 
ATOM 483 H HG   . LEU B 2 12 ? -3.076  4.523   4.963   1.00 0.03  ? 112 LEU B HG   1 
ATOM 484 H HD11 . LEU B 2 12 ? -1.955  1.818   4.238   1.00 0.02  ? 112 LEU B HD11 1 
ATOM 485 H HD12 . LEU B 2 12 ? -2.574  2.164   5.827   1.00 0.02  ? 112 LEU B HD12 1 
ATOM 486 H HD13 . LEU B 2 12 ? -3.756  2.365   4.282   1.00 0.02  ? 112 LEU B HD13 1 
ATOM 487 H HD21 . LEU B 2 12 ? -0.166  3.415   5.261   1.00 0.02  ? 112 LEU B HD21 1 
ATOM 488 H HD22 . LEU B 2 12 ? -0.507  5.058   5.700   1.00 0.02  ? 112 LEU B HD22 1 
ATOM 489 H HD23 . LEU B 2 12 ? -1.251  3.689   6.623   1.00 0.02  ? 112 LEU B HD23 1 
ATOM 490 N N    . GLY B 2 13 ? -5.428  4.271   2.533   1.00 -0.31 ? 113 GLY B N    1 
ATOM 491 C CA   . GLY B 2 13 ? -6.779  4.846   2.796   1.00 0.09  ? 113 GLY B CA   1 
ATOM 492 C C    . GLY B 2 13 ? -7.523  3.973   3.826   1.00 0.23  ? 113 GLY B C    1 
ATOM 493 O O    . GLY B 2 13 ? -8.452  3.323   3.436   1.00 -0.27 ? 113 GLY B O    1 
ATOM 494 H H    . GLY B 2 13 ? -5.514  3.367   2.082   1.00 0.15  ? 113 GLY B H    1 
ATOM 495 H HA2  . GLY B 2 13 ? -6.724  5.862   3.083   1.00 0.06  ? 113 GLY B HA2  1 
ATOM 496 H HA3  . GLY B 2 13 ? -7.410  4.790   1.871   1.00 0.06  ? 113 GLY B HA3  1 
ATOM 497 N N    . ALA B 2 14 ? -7.296  3.935   5.160   1.00 -0.30 ? 114 ALA B N    1 
ATOM 498 C CA   . ALA B 2 14 ? -6.541  4.992   5.874   1.00 0.10  ? 114 ALA B CA   1 
ATOM 499 C C    . ALA B 2 14 ? -5.983  4.527   7.203   1.00 0.23  ? 114 ALA B C    1 
ATOM 500 O O    . ALA B 2 14 ? -6.037  5.219   8.219   1.00 -0.27 ? 114 ALA B O    1 
ATOM 501 C CB   . ALA B 2 14 ? -7.544  6.132   6.145   1.00 -0.04 ? 114 ALA B CB   1 
ATOM 502 H H    . ALA B 2 14 ? -7.848  3.236   5.742   1.00 0.15  ? 114 ALA B H    1 
ATOM 503 H HA   . ALA B 2 14 ? -5.749  5.438   5.260   1.00 0.06  ? 114 ALA B HA   1 
ATOM 504 H HB1  . ALA B 2 14 ? -6.977  7.011   6.542   1.00 0.03  ? 114 ALA B HB1  1 
ATOM 505 H HB2  . ALA B 2 14 ? -8.076  6.506   5.222   1.00 0.03  ? 114 ALA B HB2  1 
ATOM 506 H HB3  . ALA B 2 14 ? -8.134  5.783   7.027   1.00 0.03  ? 114 ALA B HB3  1 
ATOM 507 N N    . ALA B 2 15 ? -5.500  3.279   7.073   1.00 -0.30 ? 115 ALA B N    1 
ATOM 508 C CA   . ALA B 2 15 ? -4.874  2.632   8.223   1.00 0.10  ? 115 ALA B CA   1 
ATOM 509 C C    . ALA B 2 15 ? -4.063  1.368   7.957   1.00 0.23  ? 115 ALA B C    1 
ATOM 510 O O    . ALA B 2 15 ? -3.026  1.302   8.613   1.00 -0.27 ? 115 ALA B O    1 
ATOM 511 C CB   . ALA B 2 15 ? -5.845  2.402   9.421   1.00 -0.04 ? 115 ALA B CB   1 
ATOM 512 H H    . ALA B 2 15 ? -5.469  2.798   6.220   1.00 0.15  ? 115 ALA B H    1 
ATOM 513 H HA   . ALA B 2 15 ? -4.119  3.387   8.565   1.00 0.06  ? 115 ALA B HA   1 
ATOM 514 H HB1  . ALA B 2 15 ? -6.264  1.443   9.106   1.00 0.03  ? 115 ALA B HB1  1 
ATOM 515 H HB2  . ALA B 2 15 ? -5.295  2.245   10.347  1.00 0.03  ? 115 ALA B HB2  1 
ATOM 516 H HB3  . ALA B 2 15 ? -6.591  3.200   9.634   1.00 0.03  ? 115 ALA B HB3  1 
ATOM 517 N N    . GLY B 2 16 ? -4.456  0.400   7.153   1.00 -0.31 ? 116 GLY B N    1 
ATOM 518 C CA   . GLY B 2 16 ? -3.455  -0.682  6.892   1.00 0.09  ? 116 GLY B CA   1 
ATOM 519 C C    . GLY B 2 16 ? -3.931  -1.844  5.956   1.00 0.23  ? 116 GLY B C    1 
ATOM 520 O O    . GLY B 2 16 ? -4.563  -2.738  6.494   1.00 -0.27 ? 116 GLY B O    1 
ATOM 521 H H    . GLY B 2 16 ? -5.343  0.263   6.722   1.00 0.15  ? 116 GLY B H    1 
ATOM 522 H HA2  . GLY B 2 16 ? -2.463  -0.333  6.528   1.00 0.06  ? 116 GLY B HA2  1 
ATOM 523 H HA3  . GLY B 2 16 ? -3.442  -1.148  7.907   1.00 0.06  ? 116 GLY B HA3  1 
ATOM 524 N N    . SER B 2 17 ? -3.671  -1.770  4.620   1.00 -0.30 ? 117 SER B N    1 
ATOM 525 C CA   . SER B 2 17 ? -4.098  -2.786  3.772   1.00 0.12  ? 117 SER B CA   1 
ATOM 526 C C    . SER B 2 17 ? -3.383  -2.749  2.481   1.00 0.24  ? 117 SER B C    1 
ATOM 527 O O    . SER B 2 17 ? -2.632  -1.857  2.172   1.00 -0.27 ? 117 SER B O    1 
ATOM 528 C CB   . SER B 2 17 ? -5.637  -2.955  3.602   1.00 0.07  ? 117 SER B CB   1 
ATOM 529 O OG   . SER B 2 17 ? -5.951  -2.205  2.448   1.00 -0.39 ? 117 SER B OG   1 
ATOM 530 H H    . SER B 2 17 ? -3.118  -0.903  4.297   1.00 0.15  ? 117 SER B H    1 
ATOM 531 H HA   . SER B 2 17 ? -3.622  -3.652  4.319   1.00 0.06  ? 117 SER B HA   1 
ATOM 532 H HB2  . SER B 2 17 ? -5.928  -4.023  3.437   1.00 0.06  ? 117 SER B HB2  1 
ATOM 533 H HB3  . SER B 2 17 ? -6.183  -2.526  4.412   1.00 0.06  ? 117 SER B HB3  1 
ATOM 534 H HG   . SER B 2 17 ? -6.820  -2.323  2.097   1.00 0.21  ? 117 SER B HG   1 
ATOM 535 N N    . THR B 2 18 ? -3.749  -3.672  1.630   1.00 -0.30 ? 118 THR B N    1 
ATOM 536 C CA   . THR B 2 18 ? -3.192  -3.517  0.252   1.00 0.13  ? 118 THR B CA   1 
ATOM 537 C C    . THR B 2 18 ? -3.445  -2.083  -0.231  1.00 0.24  ? 118 THR B C    1 
ATOM 538 O O    . THR B 2 18 ? -2.491  -1.439  -0.602  1.00 -0.27 ? 118 THR B O    1 
ATOM 539 C CB   . THR B 2 18 ? -3.733  -4.409  -0.873  1.00 0.08  ? 118 THR B CB   1 
ATOM 540 O OG1  . THR B 2 18 ? -5.100  -4.277  -1.223  1.00 -0.39 ? 118 THR B OG1  1 
ATOM 541 C CG2  . THR B 2 18 ? -3.502  -5.924  -0.464  1.00 -0.04 ? 118 THR B CG2  1 
ATOM 542 H H    . THR B 2 18 ? -4.257  -4.527  1.831   1.00 0.15  ? 118 THR B H    1 
ATOM 543 H HA   . THR B 2 18 ? -2.050  -3.609  0.198   1.00 0.06  ? 118 THR B HA   1 
ATOM 544 H HB   . THR B 2 18 ? -3.025  -4.135  -1.724  1.00 0.06  ? 118 THR B HB   1 
ATOM 545 H HG1  . THR B 2 18 ? -5.440  -4.843  -1.888  1.00 0.21  ? 118 THR B HG1  1 
ATOM 546 H HG21 . THR B 2 18 ? -4.264  -6.235  0.276   1.00 0.03  ? 118 THR B HG21 1 
ATOM 547 H HG22 . THR B 2 18 ? -3.760  -6.508  -1.397  1.00 0.03  ? 118 THR B HG22 1 
ATOM 548 H HG23 . THR B 2 18 ? -2.459  -6.173  -0.107  1.00 0.03  ? 118 THR B HG23 1 
ATOM 549 N N    . MET B 2 19 ? -4.683  -1.538  -0.332  1.00 -0.30 ? 119 MET B N    1 
ATOM 550 C CA   . MET B 2 19 ? -4.848  -0.212  -0.885  1.00 0.10  ? 119 MET B CA   1 
ATOM 551 C C    . MET B 2 19 ? -5.814  0.510   0.026   1.00 0.23  ? 119 MET B C    1 
ATOM 552 O O    . MET B 2 19 ? -6.562  1.327   -0.439  1.00 -0.27 ? 119 MET B O    1 
ATOM 553 C CB   . MET B 2 19 ? -5.324  -0.086  -2.345  1.00 -0.02 ? 119 MET B CB   1 
ATOM 554 C CG   . MET B 2 19 ? -6.707  -0.818  -2.584  1.00 -0.00 ? 119 MET B CG   1 
ATOM 555 S SD   . MET B 2 19 ? -7.442  -0.527  -4.223  1.00 -0.16 ? 119 MET B SD   1 
ATOM 556 C CE   . MET B 2 19 ? -7.905  1.221   -4.144  1.00 -0.02 ? 119 MET B CE   1 
ATOM 557 H H    . MET B 2 19 ? -5.531  -2.075  -0.114  1.00 0.15  ? 119 MET B H    1 
ATOM 558 H HA   . MET B 2 19 ? -3.881  0.324   -0.835  1.00 0.06  ? 119 MET B HA   1 
ATOM 559 H HB2  . MET B 2 19 ? -5.501  1.019   -2.487  1.00 0.03  ? 119 MET B HB2  1 
ATOM 560 H HB3  . MET B 2 19 ? -4.593  -0.527  -3.034  1.00 0.03  ? 119 MET B HB3  1 
ATOM 561 H HG2  . MET B 2 19 ? -6.497  -1.978  -2.512  1.00 0.04  ? 119 MET B HG2  1 
ATOM 562 H HG3  . MET B 2 19 ? -7.456  -0.543  -1.916  1.00 0.04  ? 119 MET B HG3  1 
ATOM 563 H HE1  . MET B 2 19 ? -8.258  1.559   -5.115  1.00 0.03  ? 119 MET B HE1  1 
ATOM 564 H HE2  . MET B 2 19 ? -8.663  1.278   -3.376  1.00 0.03  ? 119 MET B HE2  1 
ATOM 565 H HE3  . MET B 2 19 ? -7.105  1.927   -4.020  1.00 0.03  ? 119 MET B HE3  1 
ATOM 566 N N    . GLY B 2 20 ? -5.850  0.249   1.373   1.00 -0.31 ? 120 GLY B N    1 
ATOM 567 C CA   . GLY B 2 20 ? -6.804  0.959   2.272   1.00 0.09  ? 120 GLY B CA   1 
ATOM 568 C C    . GLY B 2 20 ? -7.849  0.081   2.832   1.00 0.23  ? 120 GLY B C    1 
ATOM 569 O O    . GLY B 2 20 ? -8.376  -0.695  2.054   1.00 -0.27 ? 120 GLY B O    1 
ATOM 570 H H    . GLY B 2 20 ? -5.236  -0.460  1.785   1.00 0.15  ? 120 GLY B H    1 
ATOM 571 H HA2  . GLY B 2 20 ? -6.261  1.370   3.122   1.00 0.06  ? 120 GLY B HA2  1 
ATOM 572 H HA3  . GLY B 2 20 ? -7.314  1.838   1.793   1.00 0.06  ? 120 GLY B HA3  1 
ATOM 573 N N    . ALA B 2 21 ? -8.278  0.272   4.122   1.00 -0.30 ? 121 ALA B N    1 
ATOM 574 C CA   . ALA B 2 21 ? -9.271  -0.558  4.757   1.00 0.10  ? 121 ALA B CA   1 
ATOM 575 C C    . ALA B 2 21 ? -10.557 0.261   4.897   1.00 0.23  ? 121 ALA B C    1 
ATOM 576 O O    . ALA B 2 21 ? -10.467 1.475   4.651   1.00 -0.27 ? 121 ALA B O    1 
ATOM 577 C CB   . ALA B 2 21 ? -8.744  -1.117  6.136   1.00 -0.04 ? 121 ALA B CB   1 
ATOM 578 H H    . ALA B 2 21 ? -7.958  1.074   4.682   1.00 0.15  ? 121 ALA B H    1 
ATOM 579 H HA   . ALA B 2 21 ? -9.561  -1.398  4.185   1.00 0.06  ? 121 ALA B HA   1 
ATOM 580 H HB1  . ALA B 2 21 ? -9.404  -1.857  6.720   1.00 0.03  ? 121 ALA B HB1  1 
ATOM 581 H HB2  . ALA B 2 21 ? -7.851  -1.664  5.932   1.00 0.03  ? 121 ALA B HB2  1 
ATOM 582 H HB3  . ALA B 2 21 ? -8.591  -0.195  6.744   1.00 0.03  ? 121 ALA B HB3  1 
ATOM 583 N N    . ARG B 2 22 ? -11.695 -0.286  5.365   1.00 -0.30 ? 122 ARG B N    1 
ATOM 584 C CA   . ARG B 2 22 ? -12.819 0.638   5.707   1.00 0.10  ? 122 ARG B CA   1 
ATOM 585 C C    . ARG B 2 22 ? -12.381 1.454   6.833   1.00 0.23  ? 122 ARG B C    1 
ATOM 586 O O    . ARG B 2 22 ? -12.693 2.631   6.791   1.00 -0.27 ? 122 ARG B O    1 
ATOM 587 C CB   . ARG B 2 22 ? -14.035 -0.290  6.159   1.00 -0.02 ? 122 ARG B CB   1 
ATOM 588 C CG   . ARG B 2 22 ? -15.062 0.429   7.087   1.00 -0.03 ? 122 ARG B CG   1 
ATOM 589 C CD   . ARG B 2 22 ? -15.888 1.602   6.436   1.00 0.05  ? 122 ARG B CD   1 
ATOM 590 N NE   . ARG B 2 22 ? -16.949 2.088   7.387   1.00 -0.17 ? 122 ARG B NE   1 
ATOM 591 C CZ   . ARG B 2 22 ? -16.774 2.963   8.326   1.00 0.39  ? 122 ARG B CZ   1 
ATOM 592 N NH1  . ARG B 2 22 ? -15.617 3.596   8.470   1.00 -0.18 ? 122 ARG B NH1  1 
ATOM 593 N NH2  . ARG B 2 22 ? -17.727 3.234   9.184   1.00 -0.18 ? 122 ARG B NH2  1 
ATOM 594 H H    . ARG B 2 22 ? -11.678 -1.267  5.500   1.00 0.15  ? 122 ARG B H    1 
ATOM 595 H HA   . ARG B 2 22 ? -13.064 1.218   4.856   1.00 0.06  ? 122 ARG B HA   1 
ATOM 596 H HB2  . ARG B 2 22 ? -14.492 -0.657  5.200   1.00 0.03  ? 122 ARG B HB2  1 
ATOM 597 H HB3  . ARG B 2 22 ? -13.749 -1.184  6.752   1.00 0.03  ? 122 ARG B HB3  1 
ATOM 598 H HG2  . ARG B 2 22 ? -15.685 -0.337  7.482   1.00 0.03  ? 122 ARG B HG2  1 
ATOM 599 H HG3  . ARG B 2 22 ? -14.556 0.793   7.969   1.00 0.03  ? 122 ARG B HG3  1 
ATOM 600 H HD2  . ARG B 2 22 ? -15.177 2.393   6.068   1.00 0.05  ? 122 ARG B HD2  1 
ATOM 601 H HD3  . ARG B 2 22 ? -16.368 1.111   5.548   1.00 0.05  ? 122 ARG B HD3  1 
ATOM 602 H HE   . ARG B 2 22 ? -17.836 1.635   7.188   1.00 0.20  ? 122 ARG B HE   1 
ATOM 603 H HH11 . ARG B 2 22 ? -14.746 3.465   7.844   1.00 0.19  ? 122 ARG B HH11 1 
ATOM 604 H HH12 . ARG B 2 22 ? -15.462 4.283   9.187   1.00 0.19  ? 122 ARG B HH12 1 
ATOM 605 H HH21 . ARG B 2 22 ? -18.615 2.813   9.099   1.00 0.19  ? 122 ARG B HH21 1 
ATOM 606 H HH22 . ARG B 2 22 ? -17.505 3.793   9.950   1.00 0.19  ? 122 ARG B HH22 1 
ATOM 607 N N    . SER B 2 23 ? -11.651 0.893   7.802   1.00 -0.30 ? 123 SER B N    1 
ATOM 608 C CA   . SER B 2 23 ? -10.960 1.688   8.877   1.00 0.13  ? 123 SER B CA   1 
ATOM 609 C C    . SER B 2 23 ? -11.975 2.602   9.591   1.00 0.28  ? 123 SER B C    1 
ATOM 610 O O    . SER B 2 23 ? -11.588 3.596   10.244  1.00 -0.26 ? 123 SER B O    1 
ATOM 611 C CB   . SER B 2 23 ? -9.706  2.443   8.306   1.00 0.07  ? 123 SER B CB   1 
ATOM 612 O OG   . SER B 2 23 ? -9.944  3.216   7.123   1.00 -0.39 ? 123 SER B OG   1 
ATOM 613 O OXT  . SER B 2 23 ? -13.206 2.248   9.395   1.00 -0.33 ? 123 SER B OXT  1 
ATOM 614 H H    . SER B 2 23 ? -11.461 -0.047  8.011   1.00 0.15  ? 123 SER B H    1 
ATOM 615 H HA   . SER B 2 23 ? -10.571 1.012   9.661   1.00 0.06  ? 123 SER B HA   1 
ATOM 616 H HB2  . SER B 2 23 ? -9.347  3.166   9.071   1.00 0.06  ? 123 SER B HB2  1 
ATOM 617 H HB3  . SER B 2 23 ? -8.852  1.769   8.031   1.00 0.06  ? 123 SER B HB3  1 
ATOM 618 H HG   . SER B 2 23 ? -10.589 3.947   7.323   1.00 0.21  ? 123 SER B HG   1 
ATOM 619 H HXT  . SER B 2 23 ? -13.681 2.623   10.129  1.00 0.22  ? 123 SER B HXT  1 
# 
